data_2LIY
#
_entry.id   2LIY
#
_entity_poly.entity_id   1
_entity_poly.type   'polypeptide(L)'
_entity_poly.pdbx_seq_one_letter_code
;IGSTAPTCTYNECRGCRYKCRAEQVPVEGNDPINSAYHYRCVCHR
;
_entity_poly.pdbx_strand_id   A
#
# COMPACT_ATOMS: atom_id res chain seq x y z
N ILE A 1 -8.27 -0.54 9.53
CA ILE A 1 -7.99 0.79 10.15
C ILE A 1 -8.13 1.89 9.09
N GLY A 2 -7.64 1.66 7.90
CA GLY A 2 -7.75 2.69 6.84
C GLY A 2 -8.57 2.14 5.67
N SER A 3 -7.92 1.65 4.65
CA SER A 3 -8.66 1.09 3.48
C SER A 3 -8.16 -0.31 3.15
N THR A 4 -6.91 -0.45 2.80
CA THR A 4 -6.37 -1.80 2.46
C THR A 4 -5.73 -2.43 3.70
N ALA A 5 -6.53 -2.82 4.66
CA ALA A 5 -5.98 -3.45 5.88
C ALA A 5 -5.27 -4.78 5.54
N PRO A 6 -5.96 -5.64 4.83
CA PRO A 6 -5.38 -6.94 4.43
C PRO A 6 -4.43 -6.77 3.24
N THR A 7 -3.54 -5.81 3.31
CA THR A 7 -2.57 -5.59 2.19
C THR A 7 -3.27 -5.67 0.84
N CYS A 8 -2.54 -5.87 -0.21
CA CYS A 8 -3.18 -5.99 -1.55
C CYS A 8 -3.23 -7.46 -1.96
N THR A 9 -2.94 -8.35 -1.03
CA THR A 9 -2.95 -9.81 -1.32
C THR A 9 -1.82 -10.10 -2.31
N TYR A 10 -0.90 -10.94 -1.92
CA TYR A 10 0.28 -11.26 -2.80
C TYR A 10 -0.08 -11.28 -4.30
N ASN A 11 -1.28 -11.61 -4.65
CA ASN A 11 -1.64 -11.61 -6.10
C ASN A 11 -1.42 -10.21 -6.66
N GLU A 12 -1.45 -9.23 -5.81
CA GLU A 12 -1.22 -7.84 -6.27
C GLU A 12 0.08 -7.78 -7.08
N CYS A 13 1.02 -8.63 -6.74
CA CYS A 13 2.33 -8.66 -7.45
C CYS A 13 2.36 -9.82 -8.47
N ARG A 14 1.23 -10.25 -8.95
CA ARG A 14 1.21 -11.38 -9.94
C ARG A 14 2.22 -11.14 -11.06
N GLY A 15 3.35 -11.80 -10.99
CA GLY A 15 4.38 -11.63 -12.05
C GLY A 15 5.78 -11.79 -11.44
N CYS A 16 6.15 -10.93 -10.54
CA CYS A 16 7.49 -11.02 -9.90
C CYS A 16 7.64 -12.35 -9.14
N ARG A 17 8.51 -12.38 -8.17
CA ARG A 17 8.71 -13.65 -7.39
C ARG A 17 9.48 -13.37 -6.09
N TYR A 18 9.04 -12.39 -5.33
CA TYR A 18 9.74 -12.06 -4.05
C TYR A 18 8.70 -11.84 -2.94
N LYS A 19 9.00 -11.03 -1.97
CA LYS A 19 8.03 -10.77 -0.88
C LYS A 19 7.02 -9.72 -1.33
N CYS A 20 5.75 -9.97 -1.16
CA CYS A 20 4.72 -8.99 -1.62
C CYS A 20 3.99 -8.39 -0.41
N ARG A 21 3.70 -7.11 -0.47
CA ARG A 21 2.99 -6.45 0.65
C ARG A 21 2.49 -5.08 0.22
N ALA A 22 1.46 -4.59 0.85
CA ALA A 22 0.92 -3.26 0.48
C ALA A 22 0.91 -2.35 1.71
N GLU A 23 1.03 -1.07 1.52
CA GLU A 23 1.06 -0.14 2.70
C GLU A 23 0.48 1.23 2.34
N GLN A 24 0.22 2.04 3.34
CA GLN A 24 -0.34 3.39 3.08
C GLN A 24 0.76 4.33 2.59
N VAL A 25 0.43 5.24 1.71
CA VAL A 25 1.46 6.19 1.20
C VAL A 25 0.86 7.60 1.08
N PRO A 26 0.98 8.36 2.14
CA PRO A 26 0.44 9.73 2.14
C PRO A 26 1.29 10.65 1.26
N VAL A 27 0.74 11.75 0.83
CA VAL A 27 1.52 12.69 -0.03
C VAL A 27 1.37 14.13 0.49
N GLU A 28 0.20 14.50 0.93
CA GLU A 28 0.00 15.87 1.44
C GLU A 28 0.28 15.94 2.94
N GLY A 29 1.33 15.30 3.39
CA GLY A 29 1.68 15.32 4.84
C GLY A 29 0.50 14.81 5.67
N ASN A 30 0.05 15.58 6.63
CA ASN A 30 -1.10 15.15 7.47
C ASN A 30 -1.55 16.28 8.40
N ASP A 31 -0.65 17.17 8.73
CA ASP A 31 -1.01 18.32 9.63
C ASP A 31 -2.31 18.99 9.18
N PRO A 32 -2.36 19.37 7.92
CA PRO A 32 -3.57 20.04 7.38
C PRO A 32 -4.73 19.05 7.26
N ILE A 33 -5.73 19.40 6.50
CA ILE A 33 -6.90 18.48 6.35
C ILE A 33 -6.45 17.07 5.95
N ASN A 34 -7.17 16.07 6.37
CA ASN A 34 -6.78 14.66 6.02
C ASN A 34 -7.56 14.18 4.80
N SER A 35 -6.97 14.27 3.64
CA SER A 35 -7.68 13.82 2.41
C SER A 35 -6.67 13.61 1.27
N ALA A 36 -5.70 12.76 1.48
CA ALA A 36 -4.69 12.50 0.42
C ALA A 36 -3.82 11.30 0.80
N TYR A 37 -4.44 10.23 1.22
CA TYR A 37 -3.65 9.02 1.61
C TYR A 37 -4.17 7.79 0.86
N HIS A 38 -3.36 7.20 0.01
CA HIS A 38 -3.82 6.02 -0.76
C HIS A 38 -3.07 4.76 -0.30
N TYR A 39 -3.26 3.67 -1.00
CA TYR A 39 -2.57 2.41 -0.64
C TYR A 39 -2.05 1.73 -1.90
N ARG A 40 -0.89 1.11 -1.83
CA ARG A 40 -0.34 0.44 -3.04
C ARG A 40 0.29 -0.90 -2.65
N CYS A 41 0.56 -1.74 -3.63
CA CYS A 41 1.17 -3.06 -3.34
C CYS A 41 2.61 -3.10 -3.86
N VAL A 42 3.52 -3.60 -3.07
CA VAL A 42 4.94 -3.64 -3.52
C VAL A 42 5.49 -5.06 -3.44
N CYS A 43 6.49 -5.36 -4.22
CA CYS A 43 7.09 -6.71 -4.20
C CYS A 43 8.61 -6.62 -4.03
N HIS A 44 9.09 -6.62 -2.82
CA HIS A 44 10.56 -6.54 -2.59
C HIS A 44 11.09 -7.89 -2.07
N ARG A 45 12.38 -8.01 -1.92
CA ARG A 45 12.94 -9.30 -1.42
C ARG A 45 12.86 -9.34 0.11
N ILE A 1 -9.74 -5.66 18.43
CA ILE A 1 -8.83 -4.51 18.72
C ILE A 1 -7.74 -4.43 17.65
N GLY A 2 -7.52 -3.26 17.08
CA GLY A 2 -6.48 -3.12 16.04
C GLY A 2 -7.08 -3.44 14.66
N SER A 3 -7.45 -2.42 13.92
CA SER A 3 -8.04 -2.66 12.58
C SER A 3 -6.98 -2.46 11.49
N THR A 4 -6.35 -3.51 11.06
CA THR A 4 -5.30 -3.39 10.00
C THR A 4 -5.93 -3.52 8.61
N ALA A 5 -5.18 -3.21 7.59
CA ALA A 5 -5.73 -3.31 6.20
C ALA A 5 -5.77 -4.78 5.75
N PRO A 6 -6.51 -5.03 4.70
CA PRO A 6 -6.62 -6.40 4.15
C PRO A 6 -5.35 -6.78 3.38
N THR A 7 -4.35 -5.93 3.39
CA THR A 7 -3.08 -6.22 2.66
C THR A 7 -3.36 -6.49 1.19
N CYS A 8 -2.64 -5.86 0.33
CA CYS A 8 -2.87 -6.12 -1.10
C CYS A 8 -2.57 -7.60 -1.36
N THR A 9 -3.59 -8.40 -1.50
CA THR A 9 -3.36 -9.85 -1.72
C THR A 9 -2.24 -10.02 -2.74
N TYR A 10 -1.13 -10.59 -2.31
CA TYR A 10 0.04 -10.77 -3.22
C TYR A 10 -0.36 -11.06 -4.67
N ASN A 11 -1.51 -11.66 -4.89
CA ASN A 11 -1.95 -11.94 -6.28
C ASN A 11 -1.91 -10.65 -7.07
N GLU A 12 -1.97 -9.53 -6.39
CA GLU A 12 -1.91 -8.23 -7.09
C GLU A 12 -0.59 -8.15 -7.86
N CYS A 13 0.51 -8.40 -7.19
CA CYS A 13 1.84 -8.39 -7.88
C CYS A 13 1.86 -9.47 -8.95
N ARG A 14 1.90 -10.71 -8.53
CA ARG A 14 1.91 -11.86 -9.50
C ARG A 14 2.87 -11.60 -10.65
N GLY A 15 4.10 -12.02 -10.52
CA GLY A 15 5.10 -11.81 -11.60
C GLY A 15 6.51 -11.81 -11.01
N CYS A 16 6.72 -11.07 -9.95
CA CYS A 16 8.06 -11.02 -9.31
C CYS A 16 8.35 -12.34 -8.59
N ARG A 17 9.44 -12.39 -7.86
CA ARG A 17 9.79 -13.65 -7.13
C ARG A 17 9.88 -13.38 -5.63
N TYR A 18 10.32 -12.20 -5.25
CA TYR A 18 10.44 -11.88 -3.80
C TYR A 18 9.07 -11.90 -3.12
N LYS A 19 8.92 -11.19 -2.04
CA LYS A 19 7.61 -11.18 -1.31
C LYS A 19 6.87 -9.88 -1.65
N CYS A 20 5.57 -9.86 -1.51
CA CYS A 20 4.82 -8.61 -1.82
C CYS A 20 3.99 -8.13 -0.62
N ARG A 21 3.72 -6.85 -0.58
CA ARG A 21 2.92 -6.27 0.54
C ARG A 21 2.46 -4.87 0.15
N ALA A 22 1.50 -4.32 0.83
CA ALA A 22 1.02 -2.97 0.48
C ALA A 22 1.36 -1.96 1.58
N GLU A 23 1.56 -0.72 1.23
CA GLU A 23 1.88 0.31 2.26
C GLU A 23 0.98 1.52 2.12
N GLN A 24 0.55 2.08 3.22
CA GLN A 24 -0.34 3.28 3.16
C GLN A 24 0.50 4.52 2.90
N VAL A 25 0.43 5.07 1.72
CA VAL A 25 1.24 6.28 1.40
C VAL A 25 0.31 7.43 0.96
N PRO A 26 0.19 8.41 1.80
CA PRO A 26 -0.68 9.58 1.49
C PRO A 26 -0.02 10.46 0.43
N VAL A 27 -0.80 11.00 -0.47
CA VAL A 27 -0.22 11.87 -1.53
C VAL A 27 -0.52 13.35 -1.23
N GLU A 28 -1.71 13.64 -0.76
CA GLU A 28 -2.06 15.04 -0.45
C GLU A 28 -1.70 15.39 1.00
N GLY A 29 -0.50 15.04 1.41
CA GLY A 29 -0.08 15.35 2.81
C GLY A 29 -1.08 14.74 3.80
N ASN A 30 -1.23 15.33 4.95
CA ASN A 30 -2.19 14.78 5.96
C ASN A 30 -2.47 15.82 7.05
N ASP A 31 -2.28 17.08 6.76
CA ASP A 31 -2.55 18.13 7.78
C ASP A 31 -4.06 18.39 7.89
N PRO A 32 -4.67 18.73 6.79
CA PRO A 32 -6.13 18.99 6.79
C PRO A 32 -6.91 17.67 6.84
N ILE A 33 -8.18 17.70 6.52
CA ILE A 33 -8.99 16.45 6.55
C ILE A 33 -8.34 15.38 5.66
N ASN A 34 -8.35 14.15 6.10
CA ASN A 34 -7.74 13.07 5.27
C ASN A 34 -8.51 12.90 3.95
N SER A 35 -9.51 12.06 3.92
CA SER A 35 -10.29 11.85 2.67
C SER A 35 -9.36 11.58 1.47
N ALA A 36 -8.36 10.76 1.67
CA ALA A 36 -7.41 10.45 0.56
C ALA A 36 -6.43 9.35 0.99
N TYR A 37 -5.28 9.32 0.40
CA TYR A 37 -4.25 8.28 0.75
C TYR A 37 -4.76 6.89 0.39
N HIS A 38 -3.97 6.10 -0.28
CA HIS A 38 -4.41 4.74 -0.67
C HIS A 38 -3.32 3.71 -0.35
N TYR A 39 -3.61 2.46 -0.60
CA TYR A 39 -2.60 1.39 -0.34
C TYR A 39 -2.00 0.92 -1.66
N ARG A 40 -0.71 0.84 -1.76
CA ARG A 40 -0.07 0.38 -3.04
C ARG A 40 0.65 -0.95 -2.82
N CYS A 41 0.33 -1.93 -3.62
CA CYS A 41 0.99 -3.27 -3.50
C CYS A 41 2.40 -3.23 -4.08
N VAL A 42 3.41 -3.52 -3.29
CA VAL A 42 4.80 -3.50 -3.80
C VAL A 42 5.48 -4.85 -3.53
N CYS A 43 6.46 -5.20 -4.31
CA CYS A 43 7.16 -6.49 -4.11
C CYS A 43 8.56 -6.28 -3.50
N HIS A 44 8.74 -6.67 -2.27
CA HIS A 44 10.08 -6.53 -1.63
C HIS A 44 10.62 -7.90 -1.24
N ARG A 45 11.82 -7.97 -0.77
CA ARG A 45 12.40 -9.30 -0.37
C ARG A 45 11.58 -9.91 0.76
N ILE A 1 0.75 2.40 14.06
CA ILE A 1 -0.12 3.23 13.17
C ILE A 1 -0.58 2.39 11.97
N GLY A 2 -1.43 2.96 11.14
CA GLY A 2 -1.92 2.21 9.94
C GLY A 2 -3.07 1.28 10.36
N SER A 3 -4.26 1.82 10.46
CA SER A 3 -5.42 0.97 10.86
C SER A 3 -5.83 0.05 9.71
N THR A 4 -5.59 0.46 8.50
CA THR A 4 -5.96 -0.40 7.33
C THR A 4 -4.83 -1.39 7.01
N ALA A 5 -5.02 -2.63 7.31
CA ALA A 5 -3.95 -3.63 7.01
C ALA A 5 -4.52 -4.80 6.19
N PRO A 6 -5.35 -4.50 5.22
CA PRO A 6 -5.93 -5.56 4.36
C PRO A 6 -4.90 -6.04 3.35
N THR A 7 -3.91 -5.22 3.06
CA THR A 7 -2.87 -5.61 2.07
C THR A 7 -3.48 -5.88 0.71
N CYS A 8 -2.72 -5.74 -0.34
CA CYS A 8 -3.27 -5.98 -1.71
C CYS A 8 -3.28 -7.48 -2.01
N THR A 9 -2.87 -8.30 -1.07
CA THR A 9 -2.83 -9.78 -1.28
C THR A 9 -1.78 -10.09 -2.33
N TYR A 10 -0.81 -10.91 -2.00
CA TYR A 10 0.28 -11.23 -2.97
C TYR A 10 -0.22 -11.33 -4.42
N ASN A 11 -1.47 -11.71 -4.63
CA ASN A 11 -1.98 -11.78 -6.03
C ASN A 11 -1.83 -10.41 -6.68
N GLU A 12 -1.73 -9.39 -5.87
CA GLU A 12 -1.57 -8.01 -6.41
C GLU A 12 -0.36 -7.96 -7.35
N CYS A 13 0.76 -8.49 -6.93
CA CYS A 13 1.97 -8.50 -7.80
C CYS A 13 1.72 -9.37 -9.03
N ARG A 14 1.51 -10.65 -8.82
CA ARG A 14 1.25 -11.58 -9.96
C ARG A 14 2.28 -11.37 -11.08
N GLY A 15 3.42 -12.01 -10.96
CA GLY A 15 4.47 -11.86 -12.01
C GLY A 15 5.84 -12.08 -11.38
N CYS A 16 6.27 -11.19 -10.54
CA CYS A 16 7.60 -11.35 -9.89
C CYS A 16 7.59 -12.58 -8.96
N ARG A 17 8.53 -12.65 -8.05
CA ARG A 17 8.57 -13.83 -7.12
C ARG A 17 9.35 -13.47 -5.86
N TYR A 18 8.78 -12.67 -4.99
CA TYR A 18 9.49 -12.30 -3.74
C TYR A 18 8.47 -12.03 -2.62
N LYS A 19 8.81 -11.17 -1.69
CA LYS A 19 7.86 -10.87 -0.58
C LYS A 19 6.97 -9.70 -0.97
N CYS A 20 5.81 -9.97 -1.49
CA CYS A 20 4.88 -8.86 -1.89
C CYS A 20 4.12 -8.33 -0.69
N ARG A 21 3.82 -7.06 -0.69
CA ARG A 21 3.05 -6.47 0.45
C ARG A 21 2.53 -5.09 0.04
N ALA A 22 1.62 -4.55 0.78
CA ALA A 22 1.07 -3.21 0.42
C ALA A 22 1.06 -2.29 1.65
N GLU A 23 1.23 -1.02 1.46
CA GLU A 23 1.24 -0.09 2.62
C GLU A 23 0.73 1.30 2.22
N GLN A 24 0.28 2.08 3.16
CA GLN A 24 -0.22 3.44 2.85
C GLN A 24 0.94 4.36 2.49
N VAL A 25 0.79 5.18 1.49
CA VAL A 25 1.89 6.11 1.09
C VAL A 25 1.39 7.56 1.09
N PRO A 26 2.29 8.47 1.39
CA PRO A 26 1.93 9.90 1.41
C PRO A 26 1.78 10.43 -0.01
N VAL A 27 1.08 11.53 -0.17
CA VAL A 27 0.90 12.11 -1.54
C VAL A 27 0.30 13.51 -1.45
N GLU A 28 -0.65 13.70 -0.57
CA GLU A 28 -1.28 15.04 -0.43
C GLU A 28 -0.59 15.86 0.65
N GLY A 29 0.71 15.81 0.71
CA GLY A 29 1.44 16.59 1.74
C GLY A 29 1.50 18.05 1.32
N ASN A 30 1.18 18.95 2.21
CA ASN A 30 1.22 20.40 1.86
C ASN A 30 1.11 21.27 3.11
N ASP A 31 0.01 21.21 3.78
CA ASP A 31 -0.18 22.03 5.02
C ASP A 31 -1.58 21.78 5.61
N PRO A 32 -2.59 22.03 4.82
CA PRO A 32 -3.99 21.82 5.29
C PRO A 32 -4.29 20.33 5.45
N ILE A 33 -5.54 19.96 5.51
CA ILE A 33 -5.90 18.52 5.66
C ILE A 33 -5.19 17.68 4.59
N ASN A 34 -4.26 16.86 5.00
CA ASN A 34 -3.54 15.99 4.02
C ASN A 34 -3.69 14.52 4.40
N SER A 35 -4.70 14.19 5.16
CA SER A 35 -4.90 12.77 5.56
C SER A 35 -5.27 11.91 4.35
N ALA A 36 -5.62 12.52 3.24
CA ALA A 36 -5.99 11.74 2.03
C ALA A 36 -4.83 10.85 1.59
N TYR A 37 -4.76 9.65 2.11
CA TYR A 37 -3.64 8.73 1.73
C TYR A 37 -4.22 7.45 1.11
N HIS A 38 -3.51 6.85 0.20
CA HIS A 38 -4.02 5.60 -0.44
C HIS A 38 -3.12 4.42 -0.10
N TYR A 39 -3.46 3.25 -0.57
CA TYR A 39 -2.63 2.05 -0.29
C TYR A 39 -2.14 1.45 -1.61
N ARG A 40 -0.91 1.02 -1.65
CA ARG A 40 -0.37 0.43 -2.91
C ARG A 40 0.27 -0.94 -2.63
N CYS A 41 0.52 -1.70 -3.65
CA CYS A 41 1.14 -3.04 -3.46
C CYS A 41 2.56 -3.04 -4.03
N VAL A 42 3.51 -3.54 -3.28
CA VAL A 42 4.92 -3.55 -3.76
C VAL A 42 5.51 -4.96 -3.65
N CYS A 43 6.54 -5.25 -4.41
CA CYS A 43 7.16 -6.60 -4.35
C CYS A 43 8.60 -6.51 -3.84
N HIS A 44 8.78 -6.56 -2.54
CA HIS A 44 10.16 -6.50 -1.99
C HIS A 44 10.67 -7.91 -1.69
N ARG A 45 11.91 -8.03 -1.30
CA ARG A 45 12.47 -9.38 -1.00
C ARG A 45 12.52 -9.61 0.51
N ILE A 1 -7.71 5.16 7.80
CA ILE A 1 -7.66 3.71 7.44
C ILE A 1 -7.06 3.52 6.06
N GLY A 2 -6.69 2.32 5.72
CA GLY A 2 -6.09 2.06 4.38
C GLY A 2 -7.17 1.53 3.42
N SER A 3 -6.83 1.39 2.17
CA SER A 3 -7.84 0.86 1.19
C SER A 3 -8.03 -0.65 1.37
N THR A 4 -6.96 -1.40 1.36
CA THR A 4 -7.08 -2.86 1.55
C THR A 4 -6.34 -3.31 2.82
N ALA A 5 -7.07 -3.62 3.85
CA ALA A 5 -6.41 -4.06 5.13
C ALA A 5 -5.51 -5.27 4.87
N PRO A 6 -6.06 -6.28 4.25
CA PRO A 6 -5.27 -7.51 3.94
C PRO A 6 -4.36 -7.29 2.73
N THR A 7 -3.72 -6.15 2.63
CA THR A 7 -2.81 -5.89 1.47
C THR A 7 -3.49 -6.28 0.17
N CYS A 8 -2.74 -6.37 -0.89
CA CYS A 8 -3.34 -6.79 -2.18
C CYS A 8 -3.03 -8.27 -2.42
N THR A 9 -2.56 -8.94 -1.40
CA THR A 9 -2.20 -10.39 -1.51
C THR A 9 -1.02 -10.51 -2.47
N TYR A 10 0.07 -11.06 -1.99
CA TYR A 10 1.30 -11.18 -2.83
C TYR A 10 0.99 -11.46 -4.31
N ASN A 11 -0.09 -12.11 -4.62
CA ASN A 11 -0.41 -12.37 -6.05
C ASN A 11 -0.52 -11.03 -6.77
N GLU A 12 -0.79 -9.98 -6.05
CA GLU A 12 -0.88 -8.65 -6.67
C GLU A 12 0.38 -8.39 -7.50
N CYS A 13 1.49 -8.91 -7.05
CA CYS A 13 2.77 -8.74 -7.80
C CYS A 13 3.02 -9.95 -8.72
N ARG A 14 1.97 -10.64 -9.12
CA ARG A 14 2.14 -11.84 -9.99
C ARG A 14 3.17 -11.57 -11.10
N GLY A 15 4.35 -12.09 -10.94
CA GLY A 15 5.42 -11.89 -11.96
C GLY A 15 6.79 -12.01 -11.30
N CYS A 16 7.15 -11.06 -10.48
CA CYS A 16 8.48 -11.12 -9.80
C CYS A 16 8.56 -12.35 -8.88
N ARG A 17 9.65 -12.50 -8.17
CA ARG A 17 9.79 -13.68 -7.26
C ARG A 17 10.38 -13.24 -5.91
N TYR A 18 9.63 -12.52 -5.13
CA TYR A 18 10.15 -12.06 -3.81
C TYR A 18 9.00 -11.87 -2.82
N LYS A 19 9.21 -11.08 -1.81
CA LYS A 19 8.14 -10.83 -0.80
C LYS A 19 7.24 -9.71 -1.30
N CYS A 20 5.95 -9.81 -1.10
CA CYS A 20 5.04 -8.75 -1.60
C CYS A 20 4.02 -8.34 -0.53
N ARG A 21 3.64 -7.09 -0.53
CA ARG A 21 2.65 -6.60 0.46
C ARG A 21 2.12 -5.23 0.03
N ALA A 22 1.16 -4.72 0.73
CA ALA A 22 0.61 -3.39 0.35
C ALA A 22 0.60 -2.47 1.57
N GLU A 23 1.00 -1.24 1.40
CA GLU A 23 1.02 -0.31 2.57
C GLU A 23 0.79 1.14 2.10
N GLN A 24 0.55 2.03 3.01
CA GLN A 24 0.30 3.45 2.64
C GLN A 24 1.60 4.09 2.15
N VAL A 25 1.68 4.42 0.89
CA VAL A 25 2.92 5.05 0.35
C VAL A 25 2.82 6.58 0.48
N PRO A 26 3.68 7.14 1.29
CA PRO A 26 3.69 8.61 1.49
C PRO A 26 4.24 9.31 0.25
N VAL A 27 3.37 9.85 -0.57
CA VAL A 27 3.84 10.55 -1.79
C VAL A 27 3.93 12.06 -1.54
N GLU A 28 2.98 12.60 -0.81
CA GLU A 28 3.00 14.06 -0.52
C GLU A 28 4.12 14.39 0.47
N GLY A 29 4.02 15.52 1.12
CA GLY A 29 5.08 15.91 2.10
C GLY A 29 5.64 17.29 1.74
N ASN A 30 4.78 18.18 1.29
CA ASN A 30 5.25 19.54 0.91
C ASN A 30 5.69 20.32 2.17
N ASP A 31 4.76 20.61 3.02
CA ASP A 31 5.08 21.36 4.26
C ASP A 31 3.81 21.52 5.12
N PRO A 32 2.80 22.13 4.55
CA PRO A 32 1.52 22.33 5.29
C PRO A 32 0.79 21.00 5.43
N ILE A 33 -0.49 21.04 5.68
CA ILE A 33 -1.27 19.77 5.83
C ILE A 33 -1.01 18.84 4.64
N ASN A 34 -0.63 17.61 4.89
CA ASN A 34 -0.36 16.66 3.77
C ASN A 34 -0.83 15.26 4.15
N SER A 35 -2.10 15.06 4.33
CA SER A 35 -2.62 13.71 4.70
C SER A 35 -2.99 12.93 3.45
N ALA A 36 -2.91 13.53 2.29
CA ALA A 36 -3.27 12.81 1.03
C ALA A 36 -2.36 11.60 0.84
N TYR A 37 -2.76 10.46 1.35
CA TYR A 37 -1.93 9.23 1.19
C TYR A 37 -2.83 8.06 0.77
N HIS A 38 -2.33 7.17 -0.04
CA HIS A 38 -3.16 6.02 -0.49
C HIS A 38 -2.42 4.70 -0.23
N TYR A 39 -3.08 3.59 -0.49
CA TYR A 39 -2.44 2.27 -0.27
C TYR A 39 -2.01 1.66 -1.61
N ARG A 40 -0.89 1.01 -1.64
CA ARG A 40 -0.41 0.40 -2.92
C ARG A 40 0.23 -0.96 -2.65
N CYS A 41 0.32 -1.80 -3.65
CA CYS A 41 0.95 -3.14 -3.46
C CYS A 41 2.39 -3.09 -3.94
N VAL A 42 3.33 -3.57 -3.16
CA VAL A 42 4.75 -3.52 -3.58
C VAL A 42 5.43 -4.89 -3.48
N CYS A 43 6.43 -5.12 -4.28
CA CYS A 43 7.15 -6.41 -4.24
C CYS A 43 8.59 -6.19 -3.79
N HIS A 44 8.93 -6.60 -2.60
CA HIS A 44 10.34 -6.43 -2.12
C HIS A 44 10.89 -7.76 -1.63
N ARG A 45 12.15 -7.79 -1.29
CA ARG A 45 12.76 -9.06 -0.82
C ARG A 45 12.54 -9.22 0.69
N ILE A 1 -2.91 -3.36 16.19
CA ILE A 1 -2.08 -4.59 16.31
C ILE A 1 -2.94 -5.84 16.07
N GLY A 2 -2.35 -6.90 15.59
CA GLY A 2 -3.14 -8.15 15.34
C GLY A 2 -3.29 -8.35 13.84
N SER A 3 -4.44 -8.04 13.29
CA SER A 3 -4.65 -8.21 11.83
C SER A 3 -4.05 -7.03 11.05
N THR A 4 -3.18 -7.32 10.13
CA THR A 4 -2.55 -6.21 9.33
C THR A 4 -3.62 -5.45 8.53
N ALA A 5 -3.27 -4.32 7.99
CA ALA A 5 -4.25 -3.53 7.19
C ALA A 5 -4.92 -4.41 6.13
N PRO A 6 -5.87 -3.85 5.44
CA PRO A 6 -6.57 -4.61 4.37
C PRO A 6 -5.57 -4.84 3.24
N THR A 7 -4.60 -5.67 3.49
CA THR A 7 -3.55 -5.96 2.49
C THR A 7 -4.13 -6.11 1.08
N CYS A 8 -3.52 -5.46 0.14
CA CYS A 8 -4.00 -5.53 -1.27
C CYS A 8 -4.22 -6.99 -1.68
N THR A 9 -3.47 -7.88 -1.08
CA THR A 9 -3.52 -9.35 -1.37
C THR A 9 -2.44 -9.65 -2.41
N TYR A 10 -1.46 -10.42 -2.04
CA TYR A 10 -0.32 -10.73 -2.96
C TYR A 10 -0.77 -10.86 -4.43
N ASN A 11 -1.99 -11.27 -4.67
CA ASN A 11 -2.46 -11.42 -6.08
C ASN A 11 -2.33 -10.07 -6.79
N GLU A 12 -2.29 -9.00 -6.06
CA GLU A 12 -2.16 -7.68 -6.71
C GLU A 12 -0.76 -7.56 -7.31
N CYS A 13 0.24 -7.93 -6.56
CA CYS A 13 1.65 -7.87 -7.06
C CYS A 13 1.95 -9.05 -7.99
N ARG A 14 0.96 -9.86 -8.29
CA ARG A 14 1.19 -11.05 -9.19
C ARG A 14 2.03 -10.65 -10.40
N GLY A 15 3.29 -10.98 -10.39
CA GLY A 15 4.18 -10.63 -11.54
C GLY A 15 5.62 -10.96 -11.18
N CYS A 16 6.17 -10.33 -10.17
CA CYS A 16 7.57 -10.61 -9.77
C CYS A 16 7.66 -11.99 -9.13
N ARG A 17 8.63 -12.20 -8.26
CA ARG A 17 8.77 -13.53 -7.60
C ARG A 17 9.38 -13.36 -6.20
N TYR A 18 8.90 -12.41 -5.44
CA TYR A 18 9.46 -12.20 -4.07
C TYR A 18 8.34 -11.85 -3.09
N LYS A 19 8.65 -11.12 -2.05
CA LYS A 19 7.61 -10.76 -1.05
C LYS A 19 6.77 -9.58 -1.56
N CYS A 20 5.50 -9.57 -1.31
CA CYS A 20 4.64 -8.45 -1.77
C CYS A 20 3.70 -7.98 -0.64
N ARG A 21 3.45 -6.71 -0.57
CA ARG A 21 2.54 -6.18 0.49
C ARG A 21 2.14 -4.74 0.15
N ALA A 22 0.96 -4.35 0.52
CA ALA A 22 0.50 -2.97 0.22
C ALA A 22 0.86 -2.03 1.35
N GLU A 23 1.58 -0.97 1.06
CA GLU A 23 1.96 -0.01 2.13
C GLU A 23 1.22 1.32 1.95
N GLN A 24 0.80 1.92 3.03
CA GLN A 24 0.07 3.21 2.94
C GLN A 24 1.03 4.32 2.48
N VAL A 25 0.60 5.15 1.57
CA VAL A 25 1.48 6.26 1.08
C VAL A 25 0.79 7.61 1.24
N PRO A 26 1.59 8.64 1.40
CA PRO A 26 1.03 10.01 1.56
C PRO A 26 0.50 10.53 0.23
N VAL A 27 -0.77 10.80 0.15
CA VAL A 27 -1.35 11.31 -1.13
C VAL A 27 -2.49 12.30 -0.83
N GLU A 28 -2.52 12.83 0.37
CA GLU A 28 -3.60 13.80 0.72
C GLU A 28 -3.32 14.43 2.09
N GLY A 29 -3.80 15.62 2.32
CA GLY A 29 -3.56 16.29 3.63
C GLY A 29 -4.19 17.68 3.62
N ASN A 30 -5.33 17.83 3.00
CA ASN A 30 -5.99 19.16 2.96
C ASN A 30 -6.44 19.57 4.36
N ASP A 31 -7.49 18.97 4.85
CA ASP A 31 -7.99 19.30 6.21
C ASP A 31 -9.09 18.33 6.63
N PRO A 32 -10.18 18.31 5.87
CA PRO A 32 -11.29 17.39 6.18
C PRO A 32 -10.91 15.96 5.80
N ILE A 33 -10.56 15.14 6.76
CA ILE A 33 -10.17 13.74 6.46
C ILE A 33 -9.35 13.65 5.16
N ASN A 34 -8.52 14.64 4.92
CA ASN A 34 -7.69 14.68 3.67
C ASN A 34 -8.46 14.08 2.47
N SER A 35 -8.23 12.84 2.14
CA SER A 35 -8.95 12.23 0.99
C SER A 35 -9.10 10.72 1.21
N ALA A 36 -8.00 10.01 1.21
CA ALA A 36 -8.06 8.53 1.42
C ALA A 36 -6.66 7.93 1.34
N TYR A 37 -6.06 7.67 2.46
CA TYR A 37 -4.68 7.07 2.46
C TYR A 37 -4.74 5.62 1.97
N HIS A 38 -4.91 5.42 0.70
CA HIS A 38 -4.98 4.04 0.16
C HIS A 38 -3.66 3.30 0.36
N TYR A 39 -3.51 2.18 -0.28
CA TYR A 39 -2.25 1.39 -0.15
C TYR A 39 -1.81 0.91 -1.53
N ARG A 40 -0.55 0.60 -1.70
CA ARG A 40 -0.06 0.12 -3.01
C ARG A 40 0.73 -1.17 -2.84
N CYS A 41 0.28 -2.24 -3.44
CA CYS A 41 1.00 -3.54 -3.31
C CYS A 41 2.40 -3.44 -3.90
N VAL A 42 3.41 -3.41 -3.07
CA VAL A 42 4.80 -3.31 -3.55
C VAL A 42 5.51 -4.66 -3.39
N CYS A 43 6.55 -4.91 -4.14
CA CYS A 43 7.27 -6.19 -4.02
C CYS A 43 8.65 -6.00 -3.38
N HIS A 44 8.91 -6.68 -2.30
CA HIS A 44 10.25 -6.55 -1.64
C HIS A 44 11.06 -7.82 -1.87
N ARG A 45 12.29 -7.84 -1.45
CA ARG A 45 13.15 -9.05 -1.65
C ARG A 45 13.12 -9.49 -3.11
N ILE A 1 -8.21 6.96 7.06
CA ILE A 1 -7.85 6.60 8.47
C ILE A 1 -8.71 5.43 8.95
N GLY A 2 -9.17 4.61 8.04
CA GLY A 2 -10.02 3.44 8.44
C GLY A 2 -9.12 2.31 8.95
N SER A 3 -9.71 1.25 9.45
CA SER A 3 -8.90 0.12 9.97
C SER A 3 -8.74 -0.96 8.89
N THR A 4 -8.46 -0.55 7.68
CA THR A 4 -8.30 -1.55 6.58
C THR A 4 -6.86 -2.07 6.55
N ALA A 5 -6.65 -3.28 6.98
CA ALA A 5 -5.27 -3.85 6.96
C ALA A 5 -5.23 -5.20 6.22
N PRO A 6 -5.96 -5.30 5.13
CA PRO A 6 -5.97 -6.55 4.34
C PRO A 6 -4.67 -6.67 3.54
N THR A 7 -3.99 -5.56 3.32
CA THR A 7 -2.73 -5.60 2.52
C THR A 7 -3.03 -6.12 1.13
N CYS A 8 -2.33 -5.63 0.15
CA CYS A 8 -2.58 -6.13 -1.23
C CYS A 8 -2.26 -7.61 -1.28
N THR A 9 -3.22 -8.43 -1.60
CA THR A 9 -2.97 -9.89 -1.65
C THR A 9 -1.76 -10.18 -2.52
N TYR A 10 -0.74 -10.73 -1.92
CA TYR A 10 0.54 -11.02 -2.66
C TYR A 10 0.30 -11.45 -4.13
N ASN A 11 -0.81 -12.08 -4.43
CA ASN A 11 -1.05 -12.50 -5.83
C ASN A 11 -1.22 -11.28 -6.73
N GLU A 12 -1.57 -10.17 -6.16
CA GLU A 12 -1.72 -8.94 -6.98
C GLU A 12 -0.41 -8.67 -7.74
N CYS A 13 0.70 -8.95 -7.12
CA CYS A 13 2.02 -8.74 -7.79
C CYS A 13 2.37 -9.95 -8.66
N ARG A 14 1.42 -10.81 -8.93
CA ARG A 14 1.69 -12.03 -9.75
C ARG A 14 2.58 -11.69 -10.95
N GLY A 15 3.73 -12.30 -11.02
CA GLY A 15 4.68 -12.03 -12.15
C GLY A 15 6.11 -12.08 -11.61
N CYS A 16 6.37 -11.38 -10.55
CA CYS A 16 7.74 -11.37 -9.95
C CYS A 16 7.98 -12.68 -9.19
N ARG A 17 8.81 -12.65 -8.17
CA ARG A 17 9.08 -13.89 -7.39
C ARG A 17 9.74 -13.56 -6.05
N TYR A 18 9.16 -12.65 -5.30
CA TYR A 18 9.74 -12.28 -3.98
C TYR A 18 8.62 -12.08 -2.96
N LYS A 19 8.85 -11.27 -1.95
CA LYS A 19 7.80 -11.03 -0.92
C LYS A 19 6.93 -9.85 -1.37
N CYS A 20 5.66 -9.92 -1.15
CA CYS A 20 4.76 -8.80 -1.59
C CYS A 20 3.97 -8.23 -0.42
N ARG A 21 3.73 -6.95 -0.46
CA ARG A 21 2.95 -6.29 0.64
C ARG A 21 2.54 -4.91 0.17
N ALA A 22 1.75 -4.22 0.95
CA ALA A 22 1.31 -2.87 0.52
C ALA A 22 1.37 -1.91 1.71
N GLU A 23 1.37 -0.64 1.46
CA GLU A 23 1.45 0.34 2.58
C GLU A 23 0.48 1.50 2.34
N GLN A 24 -0.10 2.03 3.40
CA GLN A 24 -1.04 3.17 3.25
C GLN A 24 -0.25 4.46 3.13
N VAL A 25 0.63 4.53 2.17
CA VAL A 25 1.47 5.76 1.98
C VAL A 25 0.58 7.02 1.98
N PRO A 26 0.62 7.74 3.07
CA PRO A 26 -0.18 8.96 3.19
C PRO A 26 0.55 10.16 2.57
N VAL A 27 -0.07 10.86 1.66
CA VAL A 27 0.60 12.02 1.02
C VAL A 27 0.33 13.28 1.85
N GLU A 28 -0.89 13.75 1.85
CA GLU A 28 -1.22 14.97 2.63
C GLU A 28 -1.04 14.70 4.14
N GLY A 29 -0.09 15.33 4.76
CA GLY A 29 0.13 15.11 6.22
C GLY A 29 -1.17 15.38 6.98
N ASN A 30 -1.18 15.12 8.26
CA ASN A 30 -2.42 15.36 9.06
C ASN A 30 -2.62 16.85 9.32
N ASP A 31 -1.59 17.63 9.15
CA ASP A 31 -1.72 19.10 9.40
C ASP A 31 -2.79 19.70 8.46
N PRO A 32 -2.59 19.55 7.18
CA PRO A 32 -3.56 20.09 6.20
C PRO A 32 -4.81 19.22 6.17
N ILE A 33 -5.63 19.36 5.16
CA ILE A 33 -6.87 18.54 5.07
C ILE A 33 -6.52 17.04 5.05
N ASN A 34 -7.30 16.23 5.71
CA ASN A 34 -7.02 14.77 5.73
C ASN A 34 -7.77 14.07 4.59
N SER A 35 -8.10 12.81 4.75
CA SER A 35 -8.84 12.08 3.66
C SER A 35 -8.04 12.12 2.37
N ALA A 36 -6.97 11.37 2.29
CA ALA A 36 -6.14 11.35 1.04
C ALA A 36 -5.02 10.32 1.18
N TYR A 37 -5.34 9.15 1.65
CA TYR A 37 -4.29 8.09 1.81
C TYR A 37 -4.62 6.89 0.91
N HIS A 38 -3.63 6.35 0.24
CA HIS A 38 -3.90 5.18 -0.65
C HIS A 38 -3.05 3.99 -0.24
N TYR A 39 -3.31 2.85 -0.81
CA TYR A 39 -2.53 1.63 -0.48
C TYR A 39 -1.85 1.09 -1.73
N ARG A 40 -0.55 1.15 -1.80
CA ARG A 40 0.17 0.65 -3.00
C ARG A 40 0.72 -0.76 -2.73
N CYS A 41 0.66 -1.63 -3.71
CA CYS A 41 1.17 -3.01 -3.52
C CYS A 41 2.59 -3.12 -4.08
N VAL A 42 3.52 -3.60 -3.30
CA VAL A 42 4.91 -3.71 -3.81
C VAL A 42 5.48 -5.11 -3.60
N CYS A 43 6.39 -5.52 -4.44
CA CYS A 43 7.01 -6.85 -4.31
C CYS A 43 8.51 -6.72 -4.06
N HIS A 44 8.93 -6.79 -2.82
CA HIS A 44 10.38 -6.66 -2.52
C HIS A 44 10.88 -7.90 -1.77
N ARG A 45 12.16 -7.97 -1.53
CA ARG A 45 12.72 -9.14 -0.82
C ARG A 45 12.86 -8.85 0.67
N ILE A 1 -1.76 1.30 11.53
CA ILE A 1 -2.83 1.57 12.53
C ILE A 1 -4.13 1.96 11.83
N GLY A 2 -4.31 1.53 10.60
CA GLY A 2 -5.56 1.87 9.86
C GLY A 2 -6.57 0.72 10.00
N SER A 3 -7.83 1.02 9.95
CA SER A 3 -8.87 -0.05 10.07
C SER A 3 -8.80 -0.98 8.87
N THR A 4 -8.41 -0.48 7.73
CA THR A 4 -8.33 -1.33 6.52
C THR A 4 -7.01 -2.12 6.51
N ALA A 5 -7.06 -3.39 6.79
CA ALA A 5 -5.81 -4.20 6.78
C ALA A 5 -5.95 -5.44 5.89
N PRO A 6 -6.63 -5.29 4.77
CA PRO A 6 -6.80 -6.43 3.83
C PRO A 6 -5.49 -6.70 3.10
N THR A 7 -4.56 -5.76 3.14
CA THR A 7 -3.26 -5.94 2.44
C THR A 7 -3.54 -6.15 0.94
N CYS A 8 -2.67 -5.69 0.11
CA CYS A 8 -2.89 -5.90 -1.35
C CYS A 8 -2.87 -7.39 -1.64
N THR A 9 -3.96 -7.91 -2.14
CA THR A 9 -3.98 -9.37 -2.44
C THR A 9 -2.76 -9.69 -3.30
N TYR A 10 -1.84 -10.46 -2.75
CA TYR A 10 -0.57 -10.80 -3.46
C TYR A 10 -0.73 -10.89 -4.99
N ASN A 11 -1.89 -11.27 -5.48
CA ASN A 11 -2.07 -11.36 -6.95
C ASN A 11 -1.74 -10.02 -7.59
N GLU A 12 -1.81 -8.97 -6.82
CA GLU A 12 -1.49 -7.63 -7.38
C GLU A 12 0.00 -7.62 -7.78
N CYS A 13 0.85 -8.03 -6.88
CA CYS A 13 2.32 -8.07 -7.17
C CYS A 13 2.65 -9.28 -8.05
N ARG A 14 1.68 -10.11 -8.35
CA ARG A 14 1.94 -11.31 -9.20
C ARG A 14 2.81 -10.96 -10.42
N GLY A 15 3.99 -11.51 -10.50
CA GLY A 15 4.88 -11.21 -11.65
C GLY A 15 6.34 -11.45 -11.26
N CYS A 16 6.78 -10.84 -10.18
CA CYS A 16 8.19 -11.03 -9.74
C CYS A 16 8.31 -12.28 -8.87
N ARG A 17 9.48 -12.53 -8.34
CA ARG A 17 9.67 -13.74 -7.47
C ARG A 17 10.21 -13.34 -6.10
N TYR A 18 9.42 -12.66 -5.32
CA TYR A 18 9.88 -12.23 -3.96
C TYR A 18 8.67 -12.09 -3.03
N LYS A 19 8.76 -11.22 -2.06
CA LYS A 19 7.61 -11.04 -1.12
C LYS A 19 6.71 -9.89 -1.62
N CYS A 20 5.46 -9.89 -1.25
CA CYS A 20 4.56 -8.80 -1.72
C CYS A 20 3.71 -8.25 -0.58
N ARG A 21 3.53 -6.96 -0.55
CA ARG A 21 2.72 -6.31 0.52
C ARG A 21 2.40 -4.89 0.11
N ALA A 22 1.39 -4.31 0.69
CA ALA A 22 1.04 -2.91 0.32
C ALA A 22 1.13 -2.01 1.54
N GLU A 23 1.53 -0.78 1.34
CA GLU A 23 1.66 0.15 2.49
C GLU A 23 0.85 1.42 2.24
N GLN A 24 0.71 2.24 3.24
CA GLN A 24 -0.08 3.49 3.08
C GLN A 24 0.75 4.56 2.35
N VAL A 25 0.30 4.99 1.21
CA VAL A 25 1.06 6.02 0.45
C VAL A 25 0.27 7.34 0.44
N PRO A 26 0.36 8.06 1.53
CA PRO A 26 -0.36 9.36 1.65
C PRO A 26 0.29 10.41 0.76
N VAL A 27 -0.19 10.55 -0.45
CA VAL A 27 0.39 11.56 -1.37
C VAL A 27 0.09 12.98 -0.85
N GLU A 28 -1.14 13.40 -0.96
CA GLU A 28 -1.51 14.77 -0.47
C GLU A 28 -1.35 14.83 1.05
N GLY A 29 -0.66 15.84 1.54
CA GLY A 29 -0.46 15.96 3.01
C GLY A 29 -1.82 16.17 3.70
N ASN A 30 -2.04 17.33 4.24
CA ASN A 30 -3.34 17.61 4.94
C ASN A 30 -4.50 17.36 3.97
N ASP A 31 -4.32 17.74 2.73
CA ASP A 31 -5.39 17.53 1.71
C ASP A 31 -6.76 18.02 2.24
N PRO A 32 -7.80 17.81 1.46
CA PRO A 32 -9.15 18.26 1.88
C PRO A 32 -9.75 17.32 2.94
N ILE A 33 -10.24 17.88 4.02
CA ILE A 33 -10.86 17.06 5.11
C ILE A 33 -10.11 15.74 5.33
N ASN A 34 -8.82 15.75 5.19
CA ASN A 34 -8.01 14.51 5.39
C ASN A 34 -8.64 13.31 4.67
N SER A 35 -8.69 13.35 3.37
CA SER A 35 -9.29 12.22 2.61
C SER A 35 -8.52 12.00 1.29
N ALA A 36 -7.39 11.35 1.35
CA ALA A 36 -6.60 11.11 0.12
C ALA A 36 -5.47 10.11 0.41
N TYR A 37 -5.77 9.04 1.08
CA TYR A 37 -4.72 8.03 1.40
C TYR A 37 -5.12 6.67 0.80
N HIS A 38 -4.23 6.04 0.09
CA HIS A 38 -4.57 4.72 -0.53
C HIS A 38 -3.47 3.69 -0.22
N TYR A 39 -3.74 2.44 -0.52
CA TYR A 39 -2.71 1.38 -0.28
C TYR A 39 -2.15 0.90 -1.62
N ARG A 40 -0.86 0.71 -1.69
CA ARG A 40 -0.26 0.25 -2.98
C ARG A 40 0.59 -1.02 -2.75
N CYS A 41 0.38 -2.02 -3.57
CA CYS A 41 1.15 -3.29 -3.41
C CYS A 41 2.58 -3.13 -3.96
N VAL A 42 3.57 -3.49 -3.17
CA VAL A 42 4.97 -3.35 -3.63
C VAL A 42 5.68 -4.71 -3.56
N CYS A 43 6.71 -4.90 -4.34
CA CYS A 43 7.44 -6.18 -4.31
C CYS A 43 8.79 -6.04 -3.60
N HIS A 44 8.97 -6.75 -2.52
CA HIS A 44 10.26 -6.68 -1.77
C HIS A 44 10.77 -8.09 -1.49
N ARG A 45 11.96 -8.21 -0.97
CA ARG A 45 12.50 -9.57 -0.68
C ARG A 45 12.06 -10.03 0.71
N ILE A 1 -10.94 6.16 8.11
CA ILE A 1 -12.14 5.27 7.97
C ILE A 1 -11.89 3.92 8.66
N GLY A 2 -11.44 3.96 9.89
CA GLY A 2 -11.17 2.69 10.62
C GLY A 2 -9.70 2.27 10.42
N SER A 3 -9.48 1.07 9.95
CA SER A 3 -8.08 0.61 9.73
C SER A 3 -8.03 -0.42 8.59
N THR A 4 -7.96 0.02 7.36
CA THR A 4 -7.91 -0.93 6.22
C THR A 4 -6.64 -1.79 6.31
N ALA A 5 -6.78 -3.05 6.62
CA ALA A 5 -5.59 -3.93 6.70
C ALA A 5 -5.79 -5.23 5.90
N PRO A 6 -6.45 -5.13 4.77
CA PRO A 6 -6.68 -6.33 3.92
C PRO A 6 -5.37 -6.72 3.22
N THR A 7 -4.39 -5.85 3.25
CA THR A 7 -3.10 -6.15 2.56
C THR A 7 -3.36 -6.38 1.08
N CYS A 8 -2.44 -6.03 0.25
CA CYS A 8 -2.65 -6.24 -1.20
C CYS A 8 -2.57 -7.73 -1.51
N THR A 9 -3.67 -8.33 -1.89
CA THR A 9 -3.64 -9.77 -2.22
C THR A 9 -2.49 -10.01 -3.19
N TYR A 10 -1.47 -10.71 -2.75
CA TYR A 10 -0.25 -10.96 -3.60
C TYR A 10 -0.59 -11.09 -5.09
N ASN A 11 -1.76 -11.57 -5.42
CA ASN A 11 -2.12 -11.69 -6.87
C ASN A 11 -1.98 -10.34 -7.55
N GLU A 12 -1.97 -9.28 -6.76
CA GLU A 12 -1.84 -7.93 -7.35
C GLU A 12 -0.52 -7.84 -8.13
N CYS A 13 0.58 -8.20 -7.52
CA CYS A 13 1.89 -8.15 -8.22
C CYS A 13 1.85 -9.08 -9.44
N ARG A 14 1.71 -10.36 -9.20
CA ARG A 14 1.65 -11.35 -10.32
C ARG A 14 2.79 -11.12 -11.32
N GLY A 15 3.92 -11.73 -11.09
CA GLY A 15 5.06 -11.55 -12.02
C GLY A 15 6.38 -11.68 -11.24
N CYS A 16 6.60 -10.81 -10.29
CA CYS A 16 7.86 -10.88 -9.49
C CYS A 16 7.93 -12.21 -8.72
N ARG A 17 9.03 -12.48 -8.09
CA ARG A 17 9.17 -13.76 -7.32
C ARG A 17 9.40 -13.47 -5.84
N TYR A 18 9.90 -12.31 -5.52
CA TYR A 18 10.16 -11.99 -4.08
C TYR A 18 8.85 -11.97 -3.29
N LYS A 19 8.80 -11.23 -2.21
CA LYS A 19 7.56 -11.16 -1.39
C LYS A 19 6.76 -9.91 -1.75
N CYS A 20 5.47 -9.91 -1.50
CA CYS A 20 4.65 -8.71 -1.83
C CYS A 20 3.93 -8.20 -0.59
N ARG A 21 3.69 -6.92 -0.54
CA ARG A 21 2.99 -6.31 0.63
C ARG A 21 2.55 -4.90 0.25
N ALA A 22 1.52 -4.41 0.86
CA ALA A 22 1.06 -3.04 0.50
C ALA A 22 1.04 -2.13 1.74
N GLU A 23 1.19 -0.85 1.53
CA GLU A 23 1.18 0.09 2.67
C GLU A 23 0.63 1.45 2.23
N GLN A 24 0.31 2.30 3.17
CA GLN A 24 -0.24 3.63 2.80
C GLN A 24 0.87 4.56 2.31
N VAL A 25 0.81 4.97 1.07
CA VAL A 25 1.86 5.88 0.53
C VAL A 25 1.33 7.32 0.45
N PRO A 26 1.67 8.11 1.44
CA PRO A 26 1.20 9.52 1.48
C PRO A 26 1.88 10.33 0.38
N VAL A 27 1.26 10.45 -0.75
CA VAL A 27 1.87 11.24 -1.86
C VAL A 27 1.36 12.68 -1.81
N GLU A 28 2.11 13.61 -2.37
CA GLU A 28 1.68 15.04 -2.35
C GLU A 28 1.59 15.54 -0.90
N GLY A 29 1.97 16.77 -0.67
CA GLY A 29 1.91 17.31 0.72
C GLY A 29 0.46 17.37 1.20
N ASN A 30 0.25 17.21 2.48
CA ASN A 30 -1.15 17.24 3.01
C ASN A 30 -1.59 18.70 3.26
N ASP A 31 -0.69 19.64 3.15
CA ASP A 31 -1.06 21.07 3.38
C ASP A 31 -2.27 21.45 2.51
N PRO A 32 -2.15 21.25 1.23
CA PRO A 32 -3.25 21.59 0.29
C PRO A 32 -4.39 20.57 0.43
N ILE A 33 -5.28 20.52 -0.53
CA ILE A 33 -6.41 19.55 -0.46
C ILE A 33 -5.88 18.12 -0.28
N ASN A 34 -6.59 17.29 0.42
CA ASN A 34 -6.12 15.89 0.64
C ASN A 34 -6.34 15.06 -0.65
N SER A 35 -7.33 14.20 -0.67
CA SER A 35 -7.58 13.37 -1.90
C SER A 35 -6.28 12.67 -2.34
N ALA A 36 -5.70 11.87 -1.48
CA ALA A 36 -4.44 11.16 -1.86
C ALA A 36 -4.06 10.16 -0.77
N TYR A 37 -2.81 9.80 -0.70
CA TYR A 37 -2.35 8.83 0.33
C TYR A 37 -3.22 7.56 0.28
N HIS A 38 -2.91 6.64 -0.60
CA HIS A 38 -3.72 5.40 -0.71
C HIS A 38 -2.87 4.17 -0.38
N TYR A 39 -3.41 3.00 -0.64
CA TYR A 39 -2.66 1.74 -0.35
C TYR A 39 -2.14 1.15 -1.68
N ARG A 40 -0.89 0.78 -1.73
CA ARG A 40 -0.33 0.21 -2.98
C ARG A 40 0.42 -1.10 -2.67
N CYS A 41 0.47 -2.01 -3.62
CA CYS A 41 1.18 -3.29 -3.38
C CYS A 41 2.62 -3.25 -3.90
N VAL A 42 3.58 -3.49 -3.06
CA VAL A 42 5.00 -3.46 -3.50
C VAL A 42 5.61 -4.86 -3.39
N CYS A 43 6.62 -5.14 -4.16
CA CYS A 43 7.27 -6.48 -4.10
C CYS A 43 8.74 -6.36 -3.72
N HIS A 44 9.08 -6.65 -2.50
CA HIS A 44 10.50 -6.56 -2.07
C HIS A 44 11.00 -7.92 -1.61
N ARG A 45 12.27 -8.04 -1.32
CA ARG A 45 12.82 -9.35 -0.88
C ARG A 45 12.61 -9.52 0.64
N ILE A 1 -7.00 -4.54 13.77
CA ILE A 1 -7.78 -3.32 14.16
C ILE A 1 -6.90 -2.07 14.09
N GLY A 2 -7.28 -1.02 14.76
CA GLY A 2 -6.45 0.23 14.73
C GLY A 2 -6.62 0.91 13.38
N SER A 3 -5.82 0.54 12.42
CA SER A 3 -5.93 1.18 11.07
C SER A 3 -6.19 0.11 10.00
N THR A 4 -6.47 0.53 8.80
CA THR A 4 -6.73 -0.46 7.71
C THR A 4 -5.50 -1.33 7.47
N ALA A 5 -5.58 -2.59 7.82
CA ALA A 5 -4.40 -3.49 7.59
C ALA A 5 -4.83 -4.79 6.87
N PRO A 6 -5.74 -4.67 5.93
CA PRO A 6 -6.19 -5.87 5.18
C PRO A 6 -5.15 -6.25 4.12
N THR A 7 -4.12 -5.44 3.98
CA THR A 7 -3.07 -5.73 2.96
C THR A 7 -3.68 -5.75 1.55
N CYS A 8 -2.94 -5.27 0.59
CA CYS A 8 -3.43 -5.24 -0.81
C CYS A 8 -3.80 -6.65 -1.27
N THR A 9 -3.13 -7.64 -0.71
CA THR A 9 -3.32 -9.08 -1.06
C THR A 9 -2.30 -9.43 -2.13
N TYR A 10 -1.40 -10.33 -1.82
CA TYR A 10 -0.31 -10.71 -2.77
C TYR A 10 -0.81 -10.76 -4.23
N ASN A 11 -2.07 -11.05 -4.45
CA ASN A 11 -2.59 -11.11 -5.83
C ASN A 11 -2.34 -9.77 -6.52
N GLU A 12 -2.14 -8.73 -5.76
CA GLU A 12 -1.88 -7.41 -6.37
C GLU A 12 -0.50 -7.41 -7.02
N CYS A 13 0.47 -7.92 -6.31
CA CYS A 13 1.87 -7.98 -6.84
C CYS A 13 2.02 -9.14 -7.84
N ARG A 14 0.94 -9.75 -8.25
CA ARG A 14 1.03 -10.89 -9.22
C ARG A 14 1.98 -10.55 -10.38
N GLY A 15 3.11 -11.19 -10.44
CA GLY A 15 4.08 -10.90 -11.54
C GLY A 15 5.46 -11.46 -11.16
N CYS A 16 6.12 -10.83 -10.22
CA CYS A 16 7.47 -11.31 -9.80
C CYS A 16 7.36 -12.61 -9.01
N ARG A 17 8.39 -12.95 -8.26
CA ARG A 17 8.34 -14.19 -7.45
C ARG A 17 9.04 -13.97 -6.11
N TYR A 18 8.62 -12.99 -5.36
CA TYR A 18 9.25 -12.72 -4.04
C TYR A 18 8.20 -12.31 -3.01
N LYS A 19 8.57 -11.53 -2.03
CA LYS A 19 7.59 -11.10 -0.99
C LYS A 19 6.79 -9.90 -1.50
N CYS A 20 5.52 -9.84 -1.18
CA CYS A 20 4.69 -8.70 -1.65
C CYS A 20 3.83 -8.14 -0.52
N ARG A 21 3.74 -6.84 -0.44
CA ARG A 21 2.94 -6.19 0.64
C ARG A 21 2.66 -4.75 0.24
N ALA A 22 1.59 -4.18 0.74
CA ALA A 22 1.27 -2.77 0.35
C ALA A 22 1.39 -1.84 1.56
N GLU A 23 1.51 -0.56 1.31
CA GLU A 23 1.64 0.41 2.43
C GLU A 23 0.62 1.54 2.29
N GLN A 24 0.20 2.12 3.38
CA GLN A 24 -0.79 3.22 3.32
C GLN A 24 -0.09 4.53 2.94
N VAL A 25 -0.62 5.24 1.97
CA VAL A 25 0.03 6.52 1.54
C VAL A 25 -1.03 7.63 1.40
N PRO A 26 -0.93 8.63 2.24
CA PRO A 26 -1.89 9.77 2.18
C PRO A 26 -1.70 10.58 0.89
N VAL A 27 -2.73 10.71 0.10
CA VAL A 27 -2.61 11.49 -1.18
C VAL A 27 -3.93 11.47 -1.97
N GLU A 28 -4.71 10.44 -1.83
CA GLU A 28 -5.99 10.37 -2.60
C GLU A 28 -7.17 10.03 -1.69
N GLY A 29 -8.25 9.56 -2.25
CA GLY A 29 -9.44 9.21 -1.42
C GLY A 29 -9.99 10.49 -0.79
N ASN A 30 -10.66 11.31 -1.56
CA ASN A 30 -11.21 12.57 -1.00
C ASN A 30 -10.11 13.38 -0.32
N ASP A 31 -9.43 14.21 -1.08
CA ASP A 31 -8.31 15.02 -0.50
C ASP A 31 -8.71 15.63 0.86
N PRO A 32 -9.83 16.30 0.88
CA PRO A 32 -10.29 16.93 2.14
C PRO A 32 -10.83 15.86 3.11
N ILE A 33 -10.62 16.04 4.38
CA ILE A 33 -11.09 15.05 5.40
C ILE A 33 -10.72 13.61 5.01
N ASN A 34 -11.11 12.65 5.80
CA ASN A 34 -10.79 11.23 5.50
C ASN A 34 -9.28 11.02 5.33
N SER A 35 -8.47 11.97 5.75
CA SER A 35 -6.99 11.83 5.63
C SER A 35 -6.60 11.23 4.26
N ALA A 36 -7.14 11.77 3.19
CA ALA A 36 -6.82 11.26 1.81
C ALA A 36 -5.63 10.30 1.80
N TYR A 37 -5.85 9.06 1.40
CA TYR A 37 -4.72 8.08 1.38
C TYR A 37 -5.12 6.81 0.61
N HIS A 38 -4.14 6.07 0.14
CA HIS A 38 -4.45 4.81 -0.60
C HIS A 38 -3.51 3.70 -0.14
N TYR A 39 -3.60 2.55 -0.76
CA TYR A 39 -2.72 1.42 -0.38
C TYR A 39 -2.07 0.85 -1.65
N ARG A 40 -0.77 0.95 -1.78
CA ARG A 40 -0.11 0.42 -3.01
C ARG A 40 0.69 -0.85 -2.68
N CYS A 41 0.52 -1.89 -3.46
CA CYS A 41 1.26 -3.15 -3.22
C CYS A 41 2.60 -3.14 -3.95
N VAL A 42 3.65 -3.51 -3.28
CA VAL A 42 4.99 -3.50 -3.94
C VAL A 42 5.68 -4.86 -3.74
N CYS A 43 6.66 -5.16 -4.56
CA CYS A 43 7.37 -6.46 -4.44
C CYS A 43 8.70 -6.26 -3.70
N HIS A 44 8.95 -7.05 -2.70
CA HIS A 44 10.23 -6.93 -1.94
C HIS A 44 10.92 -8.29 -1.87
N ARG A 45 12.10 -8.34 -1.33
CA ARG A 45 12.83 -9.63 -1.22
C ARG A 45 13.64 -9.68 0.07
N ILE A 1 -13.93 7.29 5.61
CA ILE A 1 -13.46 5.99 6.18
C ILE A 1 -12.64 5.22 5.15
N GLY A 2 -11.70 4.43 5.59
CA GLY A 2 -10.87 3.65 4.63
C GLY A 2 -9.74 2.94 5.37
N SER A 3 -8.52 3.30 5.10
CA SER A 3 -7.36 2.65 5.79
C SER A 3 -7.42 1.12 5.66
N THR A 4 -6.66 0.56 4.77
CA THR A 4 -6.68 -0.93 4.59
C THR A 4 -6.25 -1.63 5.88
N ALA A 5 -5.85 -2.86 5.80
CA ALA A 5 -5.42 -3.60 7.03
C ALA A 5 -5.06 -5.06 6.68
N PRO A 6 -5.99 -5.74 6.06
CA PRO A 6 -5.75 -7.16 5.67
C PRO A 6 -4.80 -7.28 4.47
N THR A 7 -3.84 -6.40 4.38
CA THR A 7 -2.84 -6.44 3.26
C THR A 7 -3.50 -6.64 1.90
N CYS A 8 -2.92 -6.07 0.89
CA CYS A 8 -3.47 -6.20 -0.48
C CYS A 8 -3.55 -7.69 -0.87
N THR A 9 -2.66 -8.48 -0.31
CA THR A 9 -2.56 -9.95 -0.60
C THR A 9 -1.62 -10.13 -1.79
N TYR A 10 -0.53 -10.80 -1.58
CA TYR A 10 0.49 -11.02 -2.66
C TYR A 10 -0.15 -11.22 -4.04
N ASN A 11 -1.35 -11.74 -4.09
CA ASN A 11 -2.00 -11.95 -5.41
C ASN A 11 -2.05 -10.62 -6.17
N GLU A 12 -2.00 -9.53 -5.44
CA GLU A 12 -2.02 -8.21 -6.13
C GLU A 12 -0.73 -8.06 -6.93
N CYS A 13 0.38 -8.33 -6.30
CA CYS A 13 1.70 -8.22 -6.98
C CYS A 13 1.99 -9.49 -7.81
N ARG A 14 0.97 -10.24 -8.17
CA ARG A 14 1.21 -11.47 -8.97
C ARG A 14 2.07 -11.17 -10.20
N GLY A 15 3.33 -11.52 -10.16
CA GLY A 15 4.23 -11.25 -11.32
C GLY A 15 5.68 -11.56 -10.93
N CYS A 16 6.29 -10.72 -10.14
CA CYS A 16 7.69 -10.96 -9.73
C CYS A 16 7.83 -12.29 -8.99
N ARG A 17 8.99 -12.58 -8.47
CA ARG A 17 9.19 -13.87 -7.74
C ARG A 17 9.75 -13.60 -6.34
N TYR A 18 9.12 -12.73 -5.60
CA TYR A 18 9.62 -12.42 -4.23
C TYR A 18 8.44 -12.16 -3.28
N LYS A 19 8.67 -11.41 -2.23
CA LYS A 19 7.57 -11.12 -1.27
C LYS A 19 6.91 -9.79 -1.60
N CYS A 20 5.62 -9.68 -1.42
CA CYS A 20 4.93 -8.40 -1.73
C CYS A 20 3.98 -8.00 -0.59
N ARG A 21 3.76 -6.73 -0.42
CA ARG A 21 2.86 -6.25 0.66
C ARG A 21 2.47 -4.80 0.37
N ALA A 22 1.22 -4.45 0.57
CA ALA A 22 0.79 -3.06 0.28
C ALA A 22 0.85 -2.20 1.54
N GLU A 23 1.18 -0.95 1.38
CA GLU A 23 1.26 -0.04 2.56
C GLU A 23 0.74 1.36 2.19
N GLN A 24 0.49 2.18 3.18
CA GLN A 24 -0.03 3.55 2.90
C GLN A 24 1.14 4.47 2.54
N VAL A 25 1.09 5.06 1.37
CA VAL A 25 2.20 5.98 0.96
C VAL A 25 1.67 7.40 0.79
N PRO A 26 2.54 8.36 1.04
CA PRO A 26 2.15 9.78 0.92
C PRO A 26 2.13 10.18 -0.55
N VAL A 27 0.98 10.53 -1.07
CA VAL A 27 0.89 10.93 -2.50
C VAL A 27 0.17 12.28 -2.63
N GLU A 28 0.09 13.03 -1.56
CA GLU A 28 -0.60 14.35 -1.62
C GLU A 28 -0.40 15.11 -0.31
N GLY A 29 0.31 16.21 -0.34
CA GLY A 29 0.54 16.99 0.91
C GLY A 29 -0.81 17.37 1.51
N ASN A 30 -1.74 17.83 0.69
CA ASN A 30 -3.08 18.22 1.20
C ASN A 30 -2.95 19.25 2.32
N ASP A 31 -2.89 20.51 1.98
CA ASP A 31 -2.77 21.57 3.02
C ASP A 31 -3.84 21.37 4.12
N PRO A 32 -5.08 21.28 3.70
CA PRO A 32 -6.19 21.08 4.66
C PRO A 32 -6.15 19.65 5.20
N ILE A 33 -7.27 19.16 5.70
CA ILE A 33 -7.31 17.77 6.25
C ILE A 33 -6.53 16.79 5.35
N ASN A 34 -5.43 16.29 5.82
CA ASN A 34 -4.62 15.35 5.00
C ASN A 34 -5.04 13.90 5.28
N SER A 35 -5.66 13.27 4.33
CA SER A 35 -6.10 11.86 4.53
C SER A 35 -6.29 11.15 3.18
N ALA A 36 -5.64 11.64 2.15
CA ALA A 36 -5.77 11.00 0.81
C ALA A 36 -4.60 10.05 0.56
N TYR A 37 -4.26 9.25 1.53
CA TYR A 37 -3.12 8.30 1.37
C TYR A 37 -3.65 6.89 1.11
N HIS A 38 -3.77 6.50 -0.13
CA HIS A 38 -4.28 5.15 -0.45
C HIS A 38 -3.26 4.07 -0.10
N TYR A 39 -3.44 2.89 -0.64
CA TYR A 39 -2.50 1.77 -0.36
C TYR A 39 -2.03 1.14 -1.68
N ARG A 40 -0.80 0.75 -1.77
CA ARG A 40 -0.30 0.13 -3.04
C ARG A 40 0.54 -1.11 -2.72
N CYS A 41 0.29 -2.20 -3.41
CA CYS A 41 1.07 -3.45 -3.16
C CYS A 41 2.43 -3.39 -3.86
N VAL A 42 3.49 -3.50 -3.11
CA VAL A 42 4.85 -3.44 -3.72
C VAL A 42 5.58 -4.78 -3.56
N CYS A 43 6.62 -5.01 -4.33
CA CYS A 43 7.36 -6.29 -4.23
C CYS A 43 8.74 -6.07 -3.58
N HIS A 44 9.03 -6.81 -2.54
CA HIS A 44 10.36 -6.66 -1.86
C HIS A 44 10.90 -8.03 -1.49
N ARG A 45 12.10 -8.08 -0.99
CA ARG A 45 12.71 -9.38 -0.60
C ARG A 45 13.14 -9.35 0.87
N ILE A 1 -13.83 4.13 3.61
CA ILE A 1 -12.41 3.74 3.39
C ILE A 1 -11.74 3.39 4.73
N GLY A 2 -10.44 3.42 4.77
CA GLY A 2 -9.74 3.10 6.04
C GLY A 2 -8.47 2.29 5.73
N SER A 3 -7.63 2.80 4.87
CA SER A 3 -6.38 2.08 4.51
C SER A 3 -6.70 0.66 4.03
N THR A 4 -5.72 -0.06 3.54
CA THR A 4 -5.98 -1.45 3.05
C THR A 4 -5.50 -2.47 4.07
N ALA A 5 -6.30 -2.74 5.07
CA ALA A 5 -5.91 -3.74 6.10
C ALA A 5 -5.56 -5.09 5.45
N PRO A 6 -6.40 -5.54 4.55
CA PRO A 6 -6.16 -6.83 3.86
C PRO A 6 -5.03 -6.65 2.85
N THR A 7 -3.81 -6.83 3.29
CA THR A 7 -2.63 -6.67 2.40
C THR A 7 -2.89 -7.21 1.00
N CYS A 8 -2.48 -6.49 0.00
CA CYS A 8 -2.68 -6.98 -1.39
C CYS A 8 -1.98 -8.33 -1.51
N THR A 9 -2.69 -9.41 -1.28
CA THR A 9 -2.05 -10.76 -1.35
C THR A 9 -0.97 -10.76 -2.43
N TYR A 10 0.15 -11.37 -2.15
CA TYR A 10 1.27 -11.39 -3.13
C TYR A 10 0.76 -11.71 -4.55
N ASN A 11 -0.31 -12.45 -4.66
CA ASN A 11 -0.85 -12.79 -6.00
C ASN A 11 -1.20 -11.50 -6.73
N GLU A 12 -1.36 -10.43 -6.00
CA GLU A 12 -1.68 -9.14 -6.65
C GLU A 12 -0.56 -8.76 -7.62
N CYS A 13 0.67 -8.84 -7.17
CA CYS A 13 1.82 -8.51 -8.08
C CYS A 13 1.85 -9.54 -9.21
N ARG A 14 1.94 -10.80 -8.86
CA ARG A 14 1.98 -11.88 -9.89
C ARG A 14 3.03 -11.59 -10.97
N GLY A 15 4.17 -12.24 -10.89
CA GLY A 15 5.24 -12.02 -11.89
C GLY A 15 6.60 -12.10 -11.21
N CYS A 16 6.97 -11.07 -10.49
CA CYS A 16 8.29 -11.06 -9.78
C CYS A 16 8.41 -12.30 -8.88
N ARG A 17 9.56 -12.48 -8.28
CA ARG A 17 9.76 -13.67 -7.39
C ARG A 17 10.33 -13.21 -6.04
N TYR A 18 9.55 -12.54 -5.25
CA TYR A 18 10.05 -12.07 -3.91
C TYR A 18 8.88 -11.96 -2.93
N LYS A 19 8.97 -11.08 -1.97
CA LYS A 19 7.87 -10.93 -0.97
C LYS A 19 7.04 -9.69 -1.32
N CYS A 20 5.75 -9.86 -1.46
CA CYS A 20 4.89 -8.68 -1.80
C CYS A 20 4.21 -8.15 -0.54
N ARG A 21 3.83 -6.89 -0.57
CA ARG A 21 3.16 -6.28 0.61
C ARG A 21 2.52 -4.97 0.19
N ALA A 22 1.46 -4.59 0.84
CA ALA A 22 0.79 -3.33 0.47
C ALA A 22 0.73 -2.40 1.68
N GLU A 23 1.10 -1.15 1.50
CA GLU A 23 1.09 -0.20 2.65
C GLU A 23 0.61 1.18 2.22
N GLN A 24 0.36 2.04 3.16
CA GLN A 24 -0.11 3.41 2.82
C GLN A 24 0.99 4.19 2.09
N VAL A 25 0.62 5.20 1.36
CA VAL A 25 1.64 6.01 0.62
C VAL A 25 1.75 7.41 1.21
N PRO A 26 2.76 7.63 2.00
CA PRO A 26 2.98 8.97 2.63
C PRO A 26 3.44 9.96 1.57
N VAL A 27 2.54 10.77 1.07
CA VAL A 27 2.92 11.77 0.04
C VAL A 27 2.32 13.14 0.39
N GLU A 28 1.04 13.31 0.18
CA GLU A 28 0.39 14.62 0.47
C GLU A 28 0.56 14.98 1.96
N GLY A 29 1.63 15.65 2.30
CA GLY A 29 1.85 16.03 3.73
C GLY A 29 0.78 17.04 4.15
N ASN A 30 1.18 18.22 4.52
CA ASN A 30 0.20 19.26 4.94
C ASN A 30 -0.52 18.81 6.21
N ASP A 31 -0.04 19.25 7.34
CA ASP A 31 -0.67 18.86 8.66
C ASP A 31 -2.21 18.87 8.56
N PRO A 32 -2.75 19.98 8.13
CA PRO A 32 -4.23 20.10 8.01
C PRO A 32 -4.73 19.25 6.84
N ILE A 33 -5.94 18.77 6.93
CA ILE A 33 -6.52 17.91 5.84
C ILE A 33 -5.47 16.97 5.24
N ASN A 34 -4.68 16.37 6.09
CA ASN A 34 -3.63 15.43 5.59
C ASN A 34 -4.19 14.01 5.45
N SER A 35 -5.47 13.84 5.61
CA SER A 35 -6.07 12.48 5.49
C SER A 35 -5.77 11.87 4.11
N ALA A 36 -5.43 12.69 3.15
CA ALA A 36 -5.12 12.16 1.78
C ALA A 36 -4.07 11.05 1.85
N TYR A 37 -4.50 9.82 1.92
CA TYR A 37 -3.53 8.69 1.99
C TYR A 37 -4.05 7.50 1.17
N HIS A 38 -3.20 6.89 0.38
CA HIS A 38 -3.65 5.71 -0.42
C HIS A 38 -2.76 4.51 -0.12
N TYR A 39 -3.14 3.35 -0.60
CA TYR A 39 -2.32 2.14 -0.35
C TYR A 39 -1.86 1.54 -1.68
N ARG A 40 -0.67 0.98 -1.72
CA ARG A 40 -0.18 0.37 -2.99
C ARG A 40 0.47 -0.98 -2.72
N CYS A 41 0.35 -1.90 -3.64
CA CYS A 41 0.95 -3.25 -3.43
C CYS A 41 2.39 -3.25 -3.97
N VAL A 42 3.36 -3.54 -3.15
CA VAL A 42 4.77 -3.54 -3.61
C VAL A 42 5.40 -4.93 -3.49
N CYS A 43 6.40 -5.20 -4.27
CA CYS A 43 7.07 -6.52 -4.21
C CYS A 43 8.54 -6.36 -3.79
N HIS A 44 8.85 -6.61 -2.55
CA HIS A 44 10.26 -6.47 -2.09
C HIS A 44 10.76 -7.81 -1.53
N ARG A 45 12.02 -7.88 -1.20
CA ARG A 45 12.58 -9.15 -0.65
C ARG A 45 12.32 -9.24 0.86
N ILE A 1 -9.16 2.93 10.31
CA ILE A 1 -10.55 3.36 9.94
C ILE A 1 -10.53 4.06 8.58
N GLY A 2 -9.89 3.46 7.61
CA GLY A 2 -9.84 4.09 6.25
C GLY A 2 -8.70 3.46 5.44
N SER A 3 -7.61 3.14 6.09
CA SER A 3 -6.47 2.52 5.36
C SER A 3 -6.84 1.12 4.88
N THR A 4 -5.94 0.44 4.23
CA THR A 4 -6.24 -0.93 3.74
C THR A 4 -5.54 -1.98 4.59
N ALA A 5 -6.16 -2.38 5.69
CA ALA A 5 -5.55 -3.40 6.57
C ALA A 5 -5.18 -4.67 5.78
N PRO A 6 -6.11 -5.14 4.99
CA PRO A 6 -5.87 -6.36 4.18
C PRO A 6 -5.02 -5.99 2.96
N THR A 7 -3.79 -6.41 2.94
CA THR A 7 -2.90 -6.09 1.78
C THR A 7 -3.58 -6.49 0.47
N CYS A 8 -2.91 -6.27 -0.63
CA CYS A 8 -3.51 -6.66 -1.93
C CYS A 8 -3.28 -8.15 -2.19
N THR A 9 -2.80 -8.86 -1.21
CA THR A 9 -2.52 -10.32 -1.37
C THR A 9 -1.38 -10.49 -2.36
N TYR A 10 -0.34 -11.16 -1.95
CA TYR A 10 0.87 -11.34 -2.82
C TYR A 10 0.49 -11.50 -4.32
N ASN A 11 -0.66 -12.03 -4.64
CA ASN A 11 -1.00 -12.16 -6.08
C ASN A 11 -1.01 -10.78 -6.72
N GLU A 12 -1.18 -9.76 -5.91
CA GLU A 12 -1.18 -8.39 -6.45
C GLU A 12 0.10 -8.18 -7.29
N CYS A 13 1.16 -8.83 -6.90
CA CYS A 13 2.45 -8.71 -7.63
C CYS A 13 2.66 -9.90 -8.57
N ARG A 14 1.60 -10.55 -9.00
CA ARG A 14 1.75 -11.74 -9.90
C ARG A 14 2.72 -11.43 -11.06
N GLY A 15 3.91 -11.94 -10.99
CA GLY A 15 4.91 -11.68 -12.08
C GLY A 15 6.31 -11.72 -11.49
N CYS A 16 6.62 -10.86 -10.56
CA CYS A 16 7.97 -10.84 -9.95
C CYS A 16 8.24 -12.14 -9.19
N ARG A 17 9.19 -12.15 -8.28
CA ARG A 17 9.50 -13.39 -7.53
C ARG A 17 10.14 -13.05 -6.18
N TYR A 18 9.44 -12.32 -5.34
CA TYR A 18 10.01 -11.96 -4.01
C TYR A 18 8.88 -11.75 -2.99
N LYS A 19 9.13 -11.00 -1.95
CA LYS A 19 8.07 -10.75 -0.93
C LYS A 19 7.15 -9.64 -1.41
N CYS A 20 5.89 -9.70 -1.08
CA CYS A 20 4.95 -8.63 -1.54
C CYS A 20 4.03 -8.17 -0.41
N ARG A 21 3.67 -6.92 -0.42
CA ARG A 21 2.78 -6.38 0.64
C ARG A 21 2.23 -5.02 0.21
N ALA A 22 1.05 -4.70 0.63
CA ALA A 22 0.46 -3.38 0.24
C ALA A 22 0.42 -2.46 1.46
N GLU A 23 1.00 -1.30 1.36
CA GLU A 23 1.01 -0.36 2.51
C GLU A 23 0.70 1.07 2.06
N GLN A 24 0.48 1.95 2.99
CA GLN A 24 0.17 3.36 2.62
C GLN A 24 1.43 4.05 2.08
N VAL A 25 1.27 4.94 1.15
CA VAL A 25 2.46 5.65 0.59
C VAL A 25 2.19 7.16 0.53
N PRO A 26 2.88 7.89 1.39
CA PRO A 26 2.70 9.37 1.43
C PRO A 26 3.37 10.01 0.21
N VAL A 27 2.66 10.09 -0.88
CA VAL A 27 3.24 10.73 -2.10
C VAL A 27 3.22 12.25 -1.96
N GLU A 28 2.33 12.76 -1.14
CA GLU A 28 2.25 14.23 -0.95
C GLU A 28 1.31 14.56 0.21
N GLY A 29 1.49 15.69 0.84
CA GLY A 29 0.61 16.06 1.98
C GLY A 29 1.46 16.57 3.15
N ASN A 30 1.53 17.86 3.33
CA ASN A 30 2.34 18.41 4.44
C ASN A 30 2.09 19.92 4.57
N ASP A 31 2.88 20.74 3.91
CA ASP A 31 2.67 22.21 4.00
C ASP A 31 1.31 22.60 3.41
N PRO A 32 1.09 22.22 2.18
CA PRO A 32 -0.19 22.54 1.51
C PRO A 32 -1.31 21.65 2.05
N ILE A 33 -2.42 21.58 1.34
CA ILE A 33 -3.55 20.72 1.80
C ILE A 33 -3.11 19.25 1.86
N ASN A 34 -3.19 18.66 3.03
CA ASN A 34 -2.78 17.23 3.16
C ASN A 34 -3.91 16.31 2.70
N SER A 35 -3.63 15.35 1.86
CA SER A 35 -4.69 14.43 1.38
C SER A 35 -4.09 13.23 0.64
N ALA A 36 -3.06 13.46 -0.13
CA ALA A 36 -2.42 12.33 -0.88
C ALA A 36 -2.02 11.20 0.08
N TYR A 37 -2.88 10.24 0.27
CA TYR A 37 -2.56 9.11 1.19
C TYR A 37 -3.33 7.85 0.77
N HIS A 38 -2.74 7.01 -0.03
CA HIS A 38 -3.42 5.77 -0.48
C HIS A 38 -2.55 4.54 -0.20
N TYR A 39 -3.07 3.37 -0.46
CA TYR A 39 -2.29 2.13 -0.23
C TYR A 39 -1.80 1.56 -1.57
N ARG A 40 -0.62 1.01 -1.60
CA ARG A 40 -0.10 0.44 -2.88
C ARG A 40 0.54 -0.93 -2.63
N CYS A 41 0.38 -1.85 -3.55
CA CYS A 41 0.97 -3.20 -3.36
C CYS A 41 2.39 -3.22 -3.92
N VAL A 42 3.36 -3.55 -3.11
CA VAL A 42 4.77 -3.55 -3.60
C VAL A 42 5.41 -4.93 -3.46
N CYS A 43 6.38 -5.22 -4.28
CA CYS A 43 7.07 -6.54 -4.22
C CYS A 43 8.54 -6.34 -3.84
N HIS A 44 8.88 -6.52 -2.59
CA HIS A 44 10.30 -6.35 -2.16
C HIS A 44 10.89 -7.70 -1.76
N ARG A 45 12.16 -7.73 -1.46
CA ARG A 45 12.80 -9.01 -1.07
C ARG A 45 12.82 -9.14 0.45
N ILE A 1 -7.26 0.63 12.62
CA ILE A 1 -8.63 0.15 12.24
C ILE A 1 -8.86 -1.26 12.76
N GLY A 2 -8.54 -1.50 14.01
CA GLY A 2 -8.74 -2.86 14.60
C GLY A 2 -7.60 -3.78 14.16
N SER A 3 -7.59 -4.18 12.92
CA SER A 3 -6.50 -5.08 12.43
C SER A 3 -5.60 -4.34 11.44
N THR A 4 -4.69 -5.04 10.82
CA THR A 4 -3.78 -4.37 9.84
C THR A 4 -4.53 -4.07 8.54
N ALA A 5 -3.95 -3.26 7.69
CA ALA A 5 -4.62 -2.93 6.40
C ALA A 5 -4.90 -4.20 5.59
N PRO A 6 -5.83 -4.10 4.68
CA PRO A 6 -6.19 -5.25 3.82
C PRO A 6 -5.16 -5.45 2.71
N THR A 7 -4.02 -4.79 2.80
CA THR A 7 -2.98 -4.94 1.74
C THR A 7 -3.63 -4.80 0.36
N CYS A 8 -2.94 -5.22 -0.67
CA CYS A 8 -3.53 -5.13 -2.02
C CYS A 8 -3.87 -6.54 -2.52
N THR A 9 -4.02 -7.46 -1.60
CA THR A 9 -4.33 -8.88 -1.97
C THR A 9 -3.16 -9.43 -2.79
N TYR A 10 -2.44 -10.38 -2.23
CA TYR A 10 -1.24 -10.97 -2.92
C TYR A 10 -1.36 -10.97 -4.45
N ASN A 11 -2.56 -11.08 -4.99
CA ASN A 11 -2.69 -11.05 -6.47
C ASN A 11 -2.05 -9.77 -7.00
N GLU A 12 -1.98 -8.77 -6.17
CA GLU A 12 -1.36 -7.48 -6.59
C GLU A 12 0.06 -7.72 -7.10
N CYS A 13 0.87 -8.41 -6.33
CA CYS A 13 2.27 -8.69 -6.75
C CYS A 13 2.35 -9.88 -7.72
N ARG A 14 1.23 -10.42 -8.11
CA ARG A 14 1.25 -11.59 -9.05
C ARG A 14 2.14 -11.28 -10.27
N GLY A 15 3.32 -11.83 -10.30
CA GLY A 15 4.24 -11.56 -11.45
C GLY A 15 5.66 -12.01 -11.10
N CYS A 16 6.30 -11.30 -10.21
CA CYS A 16 7.69 -11.68 -9.82
C CYS A 16 7.67 -12.92 -8.92
N ARG A 17 8.66 -13.08 -8.08
CA ARG A 17 8.70 -14.27 -7.18
C ARG A 17 9.41 -13.91 -5.87
N TYR A 18 8.94 -12.91 -5.17
CA TYR A 18 9.58 -12.52 -3.89
C TYR A 18 8.53 -12.15 -2.85
N LYS A 19 8.87 -11.34 -1.88
CA LYS A 19 7.88 -10.93 -0.84
C LYS A 19 6.91 -9.90 -1.42
N CYS A 20 5.69 -9.92 -0.97
CA CYS A 20 4.69 -8.93 -1.50
C CYS A 20 3.90 -8.31 -0.35
N ARG A 21 3.72 -7.01 -0.37
CA ARG A 21 2.94 -6.35 0.73
C ARG A 21 2.59 -4.93 0.33
N ALA A 22 1.42 -4.49 0.66
CA ALA A 22 1.01 -3.10 0.31
C ALA A 22 1.16 -2.18 1.52
N GLU A 23 1.19 -0.90 1.31
CA GLU A 23 1.34 0.04 2.46
C GLU A 23 0.63 1.37 2.19
N GLN A 24 0.20 2.06 3.22
CA GLN A 24 -0.48 3.35 3.02
C GLN A 24 0.53 4.43 2.61
N VAL A 25 0.18 5.24 1.65
CA VAL A 25 1.13 6.30 1.20
C VAL A 25 0.44 7.67 1.26
N PRO A 26 0.76 8.44 2.27
CA PRO A 26 0.16 9.78 2.43
C PRO A 26 0.75 10.75 1.41
N VAL A 27 -0.03 11.13 0.43
CA VAL A 27 0.47 12.09 -0.59
C VAL A 27 0.09 13.52 -0.18
N GLU A 28 -1.17 13.77 0.03
CA GLU A 28 -1.61 15.14 0.44
C GLU A 28 -1.14 15.42 1.86
N GLY A 29 -0.96 16.67 2.20
CA GLY A 29 -0.51 17.02 3.58
C GLY A 29 -1.62 16.69 4.58
N ASN A 30 -1.24 16.17 5.72
CA ASN A 30 -2.27 15.82 6.76
C ASN A 30 -2.67 17.07 7.55
N ASP A 31 -1.92 18.13 7.43
CA ASP A 31 -2.25 19.38 8.19
C ASP A 31 -3.70 19.82 7.90
N PRO A 32 -3.99 19.99 6.63
CA PRO A 32 -5.36 20.41 6.23
C PRO A 32 -6.36 19.28 6.43
N ILE A 33 -7.53 19.38 5.85
CA ILE A 33 -8.55 18.31 6.01
C ILE A 33 -7.97 16.95 5.60
N ASN A 34 -8.14 15.95 6.43
CA ASN A 34 -7.60 14.59 6.08
C ASN A 34 -8.34 14.03 4.86
N SER A 35 -8.81 12.80 4.94
CA SER A 35 -9.55 12.21 3.78
C SER A 35 -8.64 12.15 2.55
N ALA A 36 -7.72 11.22 2.52
CA ALA A 36 -6.80 11.10 1.35
C ALA A 36 -5.86 9.91 1.56
N TYR A 37 -4.71 9.93 0.94
CA TYR A 37 -3.74 8.81 1.09
C TYR A 37 -4.34 7.51 0.56
N HIS A 38 -3.55 6.69 -0.07
CA HIS A 38 -4.08 5.40 -0.62
C HIS A 38 -3.19 4.23 -0.22
N TYR A 39 -3.56 3.04 -0.61
CA TYR A 39 -2.73 1.84 -0.27
C TYR A 39 -2.19 1.23 -1.57
N ARG A 40 -0.89 1.14 -1.69
CA ARG A 40 -0.30 0.56 -2.93
C ARG A 40 0.35 -0.79 -2.61
N CYS A 41 0.63 -1.57 -3.62
CA CYS A 41 1.28 -2.91 -3.38
C CYS A 41 2.68 -2.92 -3.99
N VAL A 42 3.64 -3.51 -3.30
CA VAL A 42 5.01 -3.53 -3.84
C VAL A 42 5.65 -4.92 -3.69
N CYS A 43 6.60 -5.22 -4.53
CA CYS A 43 7.29 -6.54 -4.46
C CYS A 43 8.70 -6.37 -3.92
N HIS A 44 8.98 -6.90 -2.76
CA HIS A 44 10.36 -6.78 -2.18
C HIS A 44 10.91 -8.16 -1.86
N ARG A 45 12.15 -8.22 -1.44
CA ARG A 45 12.77 -9.53 -1.12
C ARG A 45 13.04 -9.63 0.39
N ILE A 1 -11.37 6.22 2.49
CA ILE A 1 -11.92 4.84 2.39
C ILE A 1 -11.26 4.09 1.22
N GLY A 2 -9.96 4.01 1.22
CA GLY A 2 -9.26 3.30 0.11
C GLY A 2 -7.96 2.67 0.65
N SER A 3 -8.04 1.98 1.76
CA SER A 3 -6.83 1.34 2.33
C SER A 3 -7.04 -0.16 2.48
N THR A 4 -6.05 -0.95 2.13
CA THR A 4 -6.19 -2.43 2.24
C THR A 4 -5.78 -2.90 3.64
N ALA A 5 -6.74 -3.27 4.45
CA ALA A 5 -6.40 -3.74 5.83
C ALA A 5 -5.61 -5.06 5.77
N PRO A 6 -6.16 -6.02 5.06
CA PRO A 6 -5.48 -7.33 4.93
C PRO A 6 -4.36 -7.27 3.88
N THR A 7 -3.54 -6.24 3.92
CA THR A 7 -2.43 -6.13 2.92
C THR A 7 -2.93 -6.39 1.51
N CYS A 8 -2.05 -6.40 0.56
CA CYS A 8 -2.47 -6.69 -0.82
C CYS A 8 -2.06 -8.11 -1.13
N THR A 9 -2.87 -9.07 -0.73
CA THR A 9 -2.53 -10.50 -0.97
C THR A 9 -1.54 -10.60 -2.13
N TYR A 10 -0.41 -11.22 -1.90
CA TYR A 10 0.64 -11.32 -2.96
C TYR A 10 0.04 -11.45 -4.38
N ASN A 11 -1.11 -12.04 -4.52
CA ASN A 11 -1.72 -12.17 -5.88
C ASN A 11 -1.87 -10.78 -6.47
N GLU A 12 -1.94 -9.78 -5.63
CA GLU A 12 -2.07 -8.39 -6.14
C GLU A 12 -0.80 -8.03 -6.93
N CYS A 13 0.34 -8.26 -6.34
CA CYS A 13 1.63 -7.97 -7.03
C CYS A 13 1.82 -8.93 -8.20
N ARG A 14 2.14 -10.17 -7.91
CA ARG A 14 2.34 -11.19 -8.98
C ARG A 14 3.41 -10.73 -9.98
N GLY A 15 4.01 -11.65 -10.67
CA GLY A 15 5.07 -11.27 -11.67
C GLY A 15 6.44 -11.64 -11.10
N CYS A 16 6.82 -11.05 -10.00
CA CYS A 16 8.15 -11.35 -9.40
C CYS A 16 8.08 -12.64 -8.59
N ARG A 17 9.02 -12.85 -7.71
CA ARG A 17 9.00 -14.09 -6.87
C ARG A 17 9.53 -13.79 -5.46
N TYR A 18 9.32 -12.60 -4.98
CA TYR A 18 9.81 -12.24 -3.62
C TYR A 18 8.63 -12.05 -2.66
N LYS A 19 8.77 -11.22 -1.67
CA LYS A 19 7.66 -11.01 -0.70
C LYS A 19 6.85 -9.76 -1.08
N CYS A 20 5.69 -9.95 -1.66
CA CYS A 20 4.86 -8.79 -2.05
C CYS A 20 3.95 -8.36 -0.89
N ARG A 21 3.72 -7.08 -0.77
CA ARG A 21 2.85 -6.59 0.34
C ARG A 21 2.36 -5.18 -0.01
N ALA A 22 1.51 -4.62 0.78
CA ALA A 22 1.00 -3.26 0.46
C ALA A 22 1.07 -2.37 1.70
N GLU A 23 1.18 -1.08 1.49
CA GLU A 23 1.25 -0.14 2.64
C GLU A 23 0.80 1.26 2.23
N GLN A 24 0.74 2.17 3.17
CA GLN A 24 0.31 3.56 2.84
C GLN A 24 1.52 4.40 2.43
N VAL A 25 1.74 4.56 1.16
CA VAL A 25 2.90 5.36 0.69
C VAL A 25 2.61 6.86 0.86
N PRO A 26 3.47 7.54 1.58
CA PRO A 26 3.28 8.99 1.80
C PRO A 26 3.61 9.77 0.52
N VAL A 27 2.76 10.69 0.15
CA VAL A 27 3.02 11.49 -1.08
C VAL A 27 2.87 12.98 -0.78
N GLU A 28 1.66 13.46 -0.65
CA GLU A 28 1.46 14.91 -0.37
C GLU A 28 1.87 15.22 1.08
N GLY A 29 2.27 16.44 1.34
CA GLY A 29 2.68 16.81 2.72
C GLY A 29 1.45 16.86 3.64
N ASN A 30 0.98 18.04 3.96
CA ASN A 30 -0.21 18.15 4.84
C ASN A 30 -0.76 19.58 4.83
N ASP A 31 -0.56 20.30 3.76
CA ASP A 31 -1.07 21.70 3.70
C ASP A 31 -2.57 21.71 3.35
N PRO A 32 -2.90 21.13 2.22
CA PRO A 32 -4.32 21.09 1.78
C PRO A 32 -5.08 20.01 2.57
N ILE A 33 -6.24 19.63 2.10
CA ILE A 33 -7.04 18.59 2.82
C ILE A 33 -6.19 17.34 3.06
N ASN A 34 -5.68 17.18 4.27
CA ASN A 34 -4.83 15.99 4.57
C ASN A 34 -3.72 15.85 3.52
N SER A 35 -3.94 15.07 2.49
CA SER A 35 -2.89 14.92 1.43
C SER A 35 -3.34 13.90 0.38
N ALA A 36 -3.04 12.63 0.57
CA ALA A 36 -3.44 11.58 -0.42
C ALA A 36 -2.75 10.27 -0.08
N TYR A 37 -2.71 9.92 1.18
CA TYR A 37 -2.03 8.65 1.59
C TYR A 37 -2.90 7.45 1.23
N HIS A 38 -2.78 6.94 0.04
CA HIS A 38 -3.59 5.76 -0.36
C HIS A 38 -2.84 4.47 -0.05
N TYR A 39 -3.25 3.37 -0.62
CA TYR A 39 -2.56 2.07 -0.36
C TYR A 39 -2.17 1.41 -1.69
N ARG A 40 -0.99 0.85 -1.76
CA ARG A 40 -0.55 0.20 -3.02
C ARG A 40 0.18 -1.11 -2.72
N CYS A 41 0.20 -2.02 -3.68
CA CYS A 41 0.88 -3.33 -3.48
C CYS A 41 2.31 -3.24 -4.04
N VAL A 42 3.30 -3.60 -3.24
CA VAL A 42 4.70 -3.50 -3.72
C VAL A 42 5.45 -4.83 -3.49
N CYS A 43 6.49 -5.06 -4.24
CA CYS A 43 7.28 -6.31 -4.08
C CYS A 43 8.68 -5.97 -3.55
N HIS A 44 9.06 -6.54 -2.43
CA HIS A 44 10.41 -6.25 -1.88
C HIS A 44 11.09 -7.54 -1.42
N ARG A 45 12.33 -7.44 -1.00
CA ARG A 45 13.08 -8.63 -0.54
C ARG A 45 14.37 -8.21 0.18
N ILE A 1 -6.19 5.61 10.80
CA ILE A 1 -7.08 5.34 11.96
C ILE A 1 -6.72 3.99 12.60
N GLY A 2 -6.34 4.01 13.85
CA GLY A 2 -5.98 2.74 14.53
C GLY A 2 -4.74 2.13 13.86
N SER A 3 -4.94 1.20 12.97
CA SER A 3 -3.79 0.56 12.27
C SER A 3 -4.28 -0.28 11.09
N THR A 4 -4.78 0.34 10.07
CA THR A 4 -5.28 -0.43 8.89
C THR A 4 -4.15 -1.26 8.29
N ALA A 5 -4.16 -2.55 8.49
CA ALA A 5 -3.09 -3.40 7.91
C ALA A 5 -3.68 -4.56 7.08
N PRO A 6 -4.73 -4.27 6.35
CA PRO A 6 -5.36 -5.32 5.51
C PRO A 6 -4.47 -5.59 4.28
N THR A 7 -3.46 -4.78 4.09
CA THR A 7 -2.53 -4.97 2.93
C THR A 7 -3.32 -5.02 1.63
N CYS A 8 -2.72 -5.60 0.62
CA CYS A 8 -3.38 -5.71 -0.71
C CYS A 8 -3.73 -7.16 -1.02
N THR A 9 -2.96 -8.05 -0.45
CA THR A 9 -3.09 -9.54 -0.68
C THR A 9 -2.14 -9.90 -1.80
N TYR A 10 -1.04 -10.51 -1.46
CA TYR A 10 0.02 -10.87 -2.48
C TYR A 10 -0.54 -11.13 -3.88
N ASN A 11 -1.75 -11.61 -4.00
CA ASN A 11 -2.33 -11.85 -5.35
C ASN A 11 -2.28 -10.57 -6.16
N GLU A 12 -2.20 -9.45 -5.49
CA GLU A 12 -2.15 -8.16 -6.22
C GLU A 12 -0.83 -8.08 -6.98
N CYS A 13 0.26 -8.36 -6.31
CA CYS A 13 1.60 -8.32 -6.95
C CYS A 13 1.88 -9.60 -7.76
N ARG A 14 0.88 -10.41 -8.01
CA ARG A 14 1.11 -11.67 -8.80
C ARG A 14 1.94 -11.38 -10.06
N GLY A 15 3.21 -11.68 -10.03
CA GLY A 15 4.05 -11.43 -11.23
C GLY A 15 5.52 -11.69 -10.89
N CYS A 16 6.13 -10.83 -10.12
CA CYS A 16 7.57 -11.02 -9.75
C CYS A 16 7.78 -12.36 -9.03
N ARG A 17 8.89 -12.53 -8.37
CA ARG A 17 9.17 -13.81 -7.66
C ARG A 17 9.73 -13.54 -6.26
N TYR A 18 9.14 -12.63 -5.54
CA TYR A 18 9.65 -12.32 -4.17
C TYR A 18 8.49 -12.06 -3.21
N LYS A 19 8.72 -11.29 -2.19
CA LYS A 19 7.63 -11.00 -1.21
C LYS A 19 6.87 -9.75 -1.65
N CYS A 20 5.60 -9.68 -1.34
CA CYS A 20 4.80 -8.49 -1.75
C CYS A 20 3.93 -7.99 -0.59
N ARG A 21 3.69 -6.72 -0.53
CA ARG A 21 2.86 -6.16 0.58
C ARG A 21 2.39 -4.76 0.20
N ALA A 22 1.29 -4.33 0.75
CA ALA A 22 0.77 -2.98 0.42
C ALA A 22 1.09 -1.98 1.54
N GLU A 23 1.41 -0.76 1.19
CA GLU A 23 1.75 0.25 2.23
C GLU A 23 0.85 1.47 2.09
N GLN A 24 0.47 2.08 3.18
CA GLN A 24 -0.40 3.28 3.11
C GLN A 24 0.45 4.51 2.78
N VAL A 25 1.15 4.47 1.69
CA VAL A 25 2.00 5.63 1.29
C VAL A 25 1.18 6.94 1.33
N PRO A 26 1.46 7.75 2.31
CA PRO A 26 0.74 9.03 2.46
C PRO A 26 1.22 10.05 1.44
N VAL A 27 0.43 10.29 0.42
CA VAL A 27 0.84 11.28 -0.62
C VAL A 27 -0.38 12.12 -1.04
N GLU A 28 -0.14 13.32 -1.49
CA GLU A 28 -1.27 14.20 -1.92
C GLU A 28 -2.21 14.46 -0.74
N GLY A 29 -2.82 15.62 -0.69
CA GLY A 29 -3.75 15.94 0.42
C GLY A 29 -2.97 16.04 1.74
N ASN A 30 -3.24 17.03 2.54
CA ASN A 30 -2.53 17.17 3.83
C ASN A 30 -3.12 18.33 4.63
N ASP A 31 -2.87 19.54 4.22
CA ASP A 31 -3.41 20.72 4.95
C ASP A 31 -4.94 20.61 5.09
N PRO A 32 -5.61 20.45 3.98
CA PRO A 32 -7.08 20.33 3.99
C PRO A 32 -7.50 18.97 4.57
N ILE A 33 -8.72 18.57 4.32
CA ILE A 33 -9.20 17.25 4.86
C ILE A 33 -8.22 16.13 4.47
N ASN A 34 -7.62 15.50 5.45
CA ASN A 34 -6.65 14.40 5.15
C ASN A 34 -7.41 13.13 4.72
N SER A 35 -7.80 13.05 3.48
CA SER A 35 -8.54 11.85 3.01
C SER A 35 -7.72 11.08 1.97
N ALA A 36 -6.74 11.71 1.39
CA ALA A 36 -5.88 11.02 0.38
C ALA A 36 -5.15 9.83 1.02
N TYR A 37 -3.98 9.53 0.54
CA TYR A 37 -3.19 8.39 1.10
C TYR A 37 -3.89 7.06 0.77
N HIS A 38 -3.28 6.26 -0.07
CA HIS A 38 -3.90 4.96 -0.45
C HIS A 38 -2.95 3.80 -0.13
N TYR A 39 -3.31 2.61 -0.53
CA TYR A 39 -2.43 1.43 -0.27
C TYR A 39 -1.95 0.83 -1.59
N ARG A 40 -0.67 0.80 -1.82
CA ARG A 40 -0.14 0.22 -3.11
C ARG A 40 0.65 -1.05 -2.82
N CYS A 41 0.32 -2.13 -3.50
CA CYS A 41 1.05 -3.41 -3.28
C CYS A 41 2.45 -3.36 -3.91
N VAL A 42 3.48 -3.44 -3.10
CA VAL A 42 4.86 -3.40 -3.64
C VAL A 42 5.53 -4.77 -3.49
N CYS A 43 6.58 -5.01 -4.22
CA CYS A 43 7.26 -6.33 -4.13
C CYS A 43 8.69 -6.20 -3.56
N HIS A 44 8.94 -6.85 -2.46
CA HIS A 44 10.30 -6.80 -1.86
C HIS A 44 10.81 -8.24 -1.70
N ARG A 45 12.04 -8.42 -1.29
CA ARG A 45 12.57 -9.79 -1.13
C ARG A 45 12.25 -10.32 0.27
N ILE A 1 -9.91 8.23 5.96
CA ILE A 1 -8.47 7.81 5.98
C ILE A 1 -8.38 6.28 6.05
N GLY A 2 -9.06 5.59 5.18
CA GLY A 2 -9.01 4.11 5.18
C GLY A 2 -9.70 3.57 3.93
N SER A 3 -9.35 2.38 3.51
CA SER A 3 -9.98 1.79 2.29
C SER A 3 -9.63 0.31 2.17
N THR A 4 -8.41 -0.05 2.47
CA THR A 4 -8.01 -1.49 2.37
C THR A 4 -7.72 -2.06 3.77
N ALA A 5 -7.09 -3.20 3.83
CA ALA A 5 -6.77 -3.82 5.15
C ALA A 5 -5.99 -5.13 4.94
N PRO A 6 -6.56 -6.03 4.18
CA PRO A 6 -5.89 -7.32 3.91
C PRO A 6 -4.82 -7.14 2.83
N THR A 7 -3.95 -6.17 2.97
CA THR A 7 -2.89 -5.94 1.95
C THR A 7 -3.49 -6.02 0.54
N CYS A 8 -2.68 -6.22 -0.44
CA CYS A 8 -3.20 -6.33 -1.83
C CYS A 8 -3.15 -7.79 -2.27
N THR A 9 -2.85 -8.68 -1.36
CA THR A 9 -2.74 -10.13 -1.68
C THR A 9 -1.57 -10.32 -2.62
N TYR A 10 -0.60 -11.08 -2.21
CA TYR A 10 0.64 -11.31 -3.03
C TYR A 10 0.36 -11.33 -4.54
N ASN A 11 -0.81 -11.75 -4.97
CA ASN A 11 -1.10 -11.75 -6.42
C ASN A 11 -0.96 -10.32 -6.95
N GLU A 12 -1.10 -9.36 -6.08
CA GLU A 12 -0.95 -7.94 -6.51
C GLU A 12 0.39 -7.78 -7.26
N CYS A 13 1.36 -8.57 -6.89
CA CYS A 13 2.69 -8.48 -7.56
C CYS A 13 2.83 -9.58 -8.62
N ARG A 14 1.73 -10.04 -9.17
CA ARG A 14 1.80 -11.12 -10.21
C ARG A 14 2.85 -10.79 -11.27
N GLY A 15 3.97 -11.47 -11.24
CA GLY A 15 5.04 -11.21 -12.25
C GLY A 15 6.41 -11.36 -11.59
N CYS A 16 6.72 -10.52 -10.64
CA CYS A 16 8.04 -10.61 -9.94
C CYS A 16 8.18 -11.97 -9.24
N ARG A 17 9.07 -12.06 -8.28
CA ARG A 17 9.25 -13.36 -7.56
C ARG A 17 9.87 -13.13 -6.17
N TYR A 18 9.48 -12.08 -5.50
CA TYR A 18 10.03 -11.80 -4.14
C TYR A 18 8.90 -11.65 -3.12
N LYS A 19 9.16 -10.97 -2.04
CA LYS A 19 8.11 -10.76 -1.00
C LYS A 19 7.08 -9.74 -1.51
N CYS A 20 5.84 -9.88 -1.14
CA CYS A 20 4.81 -8.92 -1.63
C CYS A 20 3.95 -8.40 -0.47
N ARG A 21 3.55 -7.15 -0.53
CA ARG A 21 2.72 -6.57 0.56
C ARG A 21 2.12 -5.25 0.09
N ALA A 22 1.26 -4.67 0.87
CA ALA A 22 0.64 -3.38 0.47
C ALA A 22 0.58 -2.44 1.67
N GLU A 23 0.91 -1.19 1.48
CA GLU A 23 0.88 -0.23 2.61
C GLU A 23 0.73 1.20 2.10
N GLN A 24 0.37 2.11 2.96
CA GLN A 24 0.20 3.53 2.55
C GLN A 24 1.53 4.08 2.01
N VAL A 25 1.51 4.70 0.86
CA VAL A 25 2.77 5.26 0.29
C VAL A 25 2.84 6.78 0.51
N PRO A 26 3.78 7.21 1.32
CA PRO A 26 3.92 8.65 1.61
C PRO A 26 4.52 9.37 0.39
N VAL A 27 3.77 10.26 -0.19
CA VAL A 27 4.28 11.01 -1.38
C VAL A 27 4.34 12.51 -1.09
N GLU A 28 3.20 13.16 -1.05
CA GLU A 28 3.19 14.63 -0.78
C GLU A 28 3.70 14.91 0.65
N GLY A 29 4.83 15.55 0.76
CA GLY A 29 5.38 15.85 2.12
C GLY A 29 4.37 16.68 2.91
N ASN A 30 4.15 17.90 2.49
CA ASN A 30 3.17 18.78 3.22
C ASN A 30 3.62 18.98 4.66
N ASP A 31 4.35 20.05 4.91
CA ASP A 31 4.82 20.33 6.30
C ASP A 31 3.68 20.18 7.30
N PRO A 32 2.59 20.87 7.05
CA PRO A 32 1.41 20.79 7.95
C PRO A 32 0.75 19.42 7.82
N ILE A 33 -0.52 19.33 8.17
CA ILE A 33 -1.24 18.02 8.07
C ILE A 33 -0.92 17.31 6.75
N ASN A 34 -0.26 16.19 6.81
CA ASN A 34 0.08 15.46 5.56
C ASN A 34 -0.56 14.07 5.55
N SER A 35 -1.85 14.00 5.37
CA SER A 35 -2.54 12.68 5.35
C SER A 35 -2.98 12.32 3.93
N ALA A 36 -2.49 13.03 2.95
CA ALA A 36 -2.88 12.75 1.54
C ALA A 36 -2.07 11.58 0.99
N TYR A 37 -2.31 10.39 1.49
CA TYR A 37 -1.56 9.20 0.98
C TYR A 37 -2.55 8.10 0.57
N HIS A 38 -2.10 7.18 -0.25
CA HIS A 38 -3.01 6.08 -0.69
C HIS A 38 -2.35 4.72 -0.42
N TYR A 39 -3.09 3.65 -0.59
CA TYR A 39 -2.51 2.30 -0.35
C TYR A 39 -2.05 1.67 -1.67
N ARG A 40 -0.93 1.00 -1.67
CA ARG A 40 -0.44 0.36 -2.92
C ARG A 40 0.18 -0.99 -2.61
N CYS A 41 0.46 -1.78 -3.61
CA CYS A 41 1.08 -3.12 -3.37
C CYS A 41 2.54 -3.09 -3.81
N VAL A 42 3.44 -3.55 -2.98
CA VAL A 42 4.88 -3.53 -3.35
C VAL A 42 5.47 -4.94 -3.33
N CYS A 43 6.52 -5.16 -4.08
CA CYS A 43 7.16 -6.49 -4.11
C CYS A 43 8.67 -6.34 -3.86
N HIS A 44 9.10 -6.55 -2.65
CA HIS A 44 10.56 -6.43 -2.34
C HIS A 44 11.13 -7.79 -1.94
N ARG A 45 12.42 -7.87 -1.75
CA ARG A 45 13.04 -9.16 -1.36
C ARG A 45 12.94 -9.37 0.14
N ILE A 1 -7.92 -0.46 13.86
CA ILE A 1 -8.86 -1.08 12.87
C ILE A 1 -8.84 -2.61 13.02
N GLY A 2 -9.07 -3.11 14.20
CA GLY A 2 -9.06 -4.59 14.40
C GLY A 2 -7.67 -5.14 14.08
N SER A 3 -7.49 -5.67 12.90
CA SER A 3 -6.17 -6.24 12.53
C SER A 3 -5.49 -5.34 11.48
N THR A 4 -4.53 -5.86 10.76
CA THR A 4 -3.84 -5.04 9.73
C THR A 4 -4.76 -4.84 8.52
N ALA A 5 -4.40 -3.93 7.65
CA ALA A 5 -5.23 -3.67 6.44
C ALA A 5 -5.43 -4.97 5.65
N PRO A 6 -6.26 -4.89 4.63
CA PRO A 6 -6.51 -6.08 3.78
C PRO A 6 -5.25 -6.44 3.00
N THR A 7 -4.27 -5.56 3.01
CA THR A 7 -3.00 -5.81 2.29
C THR A 7 -3.24 -6.25 0.86
N CYS A 8 -2.59 -5.63 -0.07
CA CYS A 8 -2.75 -6.04 -1.49
C CYS A 8 -2.36 -7.49 -1.61
N THR A 9 -3.31 -8.39 -1.60
CA THR A 9 -2.99 -9.84 -1.69
C THR A 9 -1.75 -10.06 -2.57
N TYR A 10 -0.79 -10.78 -2.07
CA TYR A 10 0.48 -11.03 -2.81
C TYR A 10 0.20 -11.30 -4.31
N ASN A 11 -0.93 -11.83 -4.65
CA ASN A 11 -1.22 -12.10 -6.09
C ASN A 11 -1.27 -10.79 -6.86
N GLU A 12 -1.43 -9.69 -6.17
CA GLU A 12 -1.47 -8.39 -6.88
C GLU A 12 -0.17 -8.21 -7.66
N CYS A 13 0.91 -8.72 -7.12
CA CYS A 13 2.22 -8.61 -7.80
C CYS A 13 2.48 -9.84 -8.70
N ARG A 14 1.44 -10.51 -9.12
CA ARG A 14 1.63 -11.72 -9.97
C ARG A 14 2.63 -11.45 -11.11
N GLY A 15 3.81 -12.02 -11.03
CA GLY A 15 4.83 -11.80 -12.09
C GLY A 15 6.23 -11.87 -11.47
N CYS A 16 6.52 -10.97 -10.55
CA CYS A 16 7.86 -10.97 -9.90
C CYS A 16 8.10 -12.29 -9.17
N ARG A 17 9.19 -12.39 -8.45
CA ARG A 17 9.49 -13.65 -7.70
C ARG A 17 10.06 -13.33 -6.31
N TYR A 18 9.36 -12.56 -5.52
CA TYR A 18 9.88 -12.22 -4.16
C TYR A 18 8.72 -12.03 -3.18
N LYS A 19 8.95 -11.29 -2.12
CA LYS A 19 7.87 -11.06 -1.12
C LYS A 19 6.99 -9.90 -1.57
N CYS A 20 5.75 -9.87 -1.17
CA CYS A 20 4.85 -8.76 -1.60
C CYS A 20 4.04 -8.21 -0.42
N ARG A 21 3.75 -6.94 -0.45
CA ARG A 21 2.96 -6.31 0.65
C ARG A 21 2.48 -4.95 0.19
N ALA A 22 1.66 -4.30 0.98
CA ALA A 22 1.17 -2.96 0.56
C ALA A 22 1.22 -2.00 1.75
N GLU A 23 1.33 -0.73 1.48
CA GLU A 23 1.40 0.26 2.60
C GLU A 23 0.55 1.49 2.30
N GLN A 24 -0.03 2.08 3.31
CA GLN A 24 -0.86 3.29 3.08
C GLN A 24 0.06 4.51 2.94
N VAL A 25 0.92 4.48 1.98
CA VAL A 25 1.86 5.61 1.75
C VAL A 25 1.11 6.95 1.76
N PRO A 26 1.26 7.69 2.83
CA PRO A 26 0.57 9.00 2.96
C PRO A 26 1.33 10.08 2.17
N VAL A 27 0.62 11.00 1.58
CA VAL A 27 1.29 12.09 0.80
C VAL A 27 0.94 13.45 1.41
N GLU A 28 -0.31 13.63 1.76
CA GLU A 28 -0.73 14.93 2.37
C GLU A 28 -0.65 14.86 3.89
N GLY A 29 0.42 14.34 4.41
CA GLY A 29 0.57 14.24 5.89
C GLY A 29 -0.56 13.37 6.46
N ASN A 30 -1.18 13.80 7.54
CA ASN A 30 -2.30 13.01 8.13
C ASN A 30 -2.96 13.80 9.27
N ASP A 31 -2.94 15.11 9.19
CA ASP A 31 -3.56 15.93 10.26
C ASP A 31 -5.08 16.01 10.08
N PRO A 32 -5.50 16.43 8.91
CA PRO A 32 -6.96 16.55 8.64
C PRO A 32 -7.60 15.17 8.44
N ILE A 33 -8.78 15.13 7.89
CA ILE A 33 -9.47 13.82 7.67
C ILE A 33 -8.53 12.83 6.95
N ASN A 34 -8.89 11.56 6.94
CA ASN A 34 -8.03 10.55 6.26
C ASN A 34 -8.53 10.29 4.84
N SER A 35 -9.09 11.29 4.20
CA SER A 35 -9.59 11.09 2.80
C SER A 35 -8.43 10.70 1.88
N ALA A 36 -7.42 11.54 1.81
CA ALA A 36 -6.26 11.22 0.94
C ALA A 36 -5.58 9.94 1.40
N TYR A 37 -4.32 9.78 1.10
CA TYR A 37 -3.56 8.56 1.52
C TYR A 37 -4.15 7.32 0.83
N HIS A 38 -3.36 6.63 0.05
CA HIS A 38 -3.87 5.41 -0.65
C HIS A 38 -3.01 4.20 -0.30
N TYR A 39 -3.38 3.04 -0.78
CA TYR A 39 -2.59 1.82 -0.49
C TYR A 39 -1.93 1.32 -1.78
N ARG A 40 -0.66 1.02 -1.73
CA ARG A 40 0.04 0.53 -2.97
C ARG A 40 0.60 -0.88 -2.72
N CYS A 41 0.59 -1.71 -3.73
CA CYS A 41 1.11 -3.10 -3.57
C CYS A 41 2.56 -3.16 -4.06
N VAL A 42 3.48 -3.58 -3.23
CA VAL A 42 4.90 -3.64 -3.66
C VAL A 42 5.47 -5.05 -3.52
N CYS A 43 6.46 -5.37 -4.31
CA CYS A 43 7.08 -6.72 -4.24
C CYS A 43 8.57 -6.61 -3.91
N HIS A 44 8.94 -6.81 -2.68
CA HIS A 44 10.38 -6.73 -2.31
C HIS A 44 10.89 -8.10 -1.86
N ARG A 45 12.16 -8.22 -1.61
CA ARG A 45 12.72 -9.52 -1.16
C ARG A 45 12.49 -9.71 0.34
N ILE A 1 -2.34 -4.61 13.00
CA ILE A 1 -3.31 -4.34 11.90
C ILE A 1 -4.23 -3.18 12.29
N GLY A 2 -5.23 -2.92 11.49
CA GLY A 2 -6.17 -1.80 11.81
C GLY A 2 -6.07 -0.73 10.73
N SER A 3 -7.06 0.12 10.62
CA SER A 3 -7.02 1.20 9.59
C SER A 3 -6.73 0.60 8.21
N THR A 4 -7.74 0.11 7.54
CA THR A 4 -7.53 -0.49 6.18
C THR A 4 -6.43 -1.55 6.22
N ALA A 5 -6.79 -2.80 6.30
CA ALA A 5 -5.76 -3.88 6.34
C ALA A 5 -5.90 -4.86 5.15
N PRO A 6 -6.58 -4.45 4.09
CA PRO A 6 -6.73 -5.36 2.92
C PRO A 6 -5.41 -5.41 2.16
N THR A 7 -4.37 -5.93 2.78
CA THR A 7 -3.04 -6.01 2.09
C THR A 7 -3.22 -6.46 0.65
N CYS A 8 -2.58 -5.81 -0.27
CA CYS A 8 -2.69 -6.22 -1.68
C CYS A 8 -2.22 -7.66 -1.80
N THR A 9 -3.13 -8.59 -1.93
CA THR A 9 -2.73 -10.03 -2.01
C THR A 9 -1.46 -10.15 -2.87
N TYR A 10 -0.47 -10.84 -2.36
CA TYR A 10 0.82 -10.98 -3.10
C TYR A 10 0.60 -11.22 -4.60
N ASN A 11 -0.50 -11.82 -4.98
CA ASN A 11 -0.75 -12.07 -6.43
C ASN A 11 -0.78 -10.74 -7.17
N GLU A 12 -0.98 -9.66 -6.47
CA GLU A 12 -1.01 -8.34 -7.14
C GLU A 12 0.33 -8.13 -7.86
N CYS A 13 1.39 -8.68 -7.31
CA CYS A 13 2.73 -8.55 -7.95
C CYS A 13 2.98 -9.72 -8.90
N ARG A 14 1.94 -10.37 -9.36
CA ARG A 14 2.13 -11.54 -10.28
C ARG A 14 3.17 -11.23 -11.36
N GLY A 15 4.32 -11.86 -11.28
CA GLY A 15 5.39 -11.61 -12.29
C GLY A 15 6.75 -11.74 -11.60
N CYS A 16 7.05 -10.84 -10.69
CA CYS A 16 8.36 -10.90 -9.98
C CYS A 16 8.47 -12.21 -9.19
N ARG A 17 9.45 -12.31 -8.31
CA ARG A 17 9.61 -13.55 -7.51
C ARG A 17 10.20 -13.22 -6.13
N TYR A 18 9.47 -12.48 -5.33
CA TYR A 18 9.99 -12.13 -3.96
C TYR A 18 8.82 -11.93 -3.00
N LYS A 19 9.04 -11.19 -1.94
CA LYS A 19 7.95 -10.94 -0.97
C LYS A 19 7.03 -9.83 -1.50
N CYS A 20 5.76 -9.90 -1.20
CA CYS A 20 4.84 -8.84 -1.70
C CYS A 20 3.93 -8.34 -0.58
N ARG A 21 3.65 -7.06 -0.56
CA ARG A 21 2.77 -6.49 0.49
C ARG A 21 2.35 -5.09 0.07
N ALA A 22 1.49 -4.47 0.82
CA ALA A 22 1.04 -3.10 0.46
C ALA A 22 1.07 -2.20 1.68
N GLU A 23 1.19 -0.91 1.49
CA GLU A 23 1.22 0.02 2.65
C GLU A 23 0.73 1.41 2.25
N GLN A 24 0.30 2.19 3.20
CA GLN A 24 -0.20 3.55 2.89
C GLN A 24 0.97 4.45 2.45
N VAL A 25 1.19 4.55 1.17
CA VAL A 25 2.30 5.42 0.68
C VAL A 25 2.08 6.87 1.12
N PRO A 26 3.06 7.44 1.76
CA PRO A 26 2.95 8.84 2.22
C PRO A 26 3.02 9.82 1.04
N VAL A 27 1.90 10.33 0.64
CA VAL A 27 1.89 11.29 -0.51
C VAL A 27 0.80 12.35 -0.30
N GLU A 28 0.94 13.49 -0.92
CA GLU A 28 -0.07 14.58 -0.76
C GLU A 28 -0.22 14.97 0.71
N GLY A 29 -0.69 16.17 0.97
CA GLY A 29 -0.88 16.61 2.38
C GLY A 29 0.43 16.45 3.15
N ASN A 30 0.47 15.55 4.10
CA ASN A 30 1.71 15.33 4.92
C ASN A 30 1.94 16.49 5.88
N ASP A 31 1.93 17.69 5.38
CA ASP A 31 2.15 18.87 6.25
C ASP A 31 0.88 19.19 7.06
N PRO A 32 -0.20 19.43 6.36
CA PRO A 32 -1.49 19.75 7.04
C PRO A 32 -2.08 18.48 7.66
N ILE A 33 -3.34 18.51 8.00
CA ILE A 33 -3.98 17.29 8.60
C ILE A 33 -3.78 16.08 7.70
N ASN A 34 -2.93 15.16 8.11
CA ASN A 34 -2.68 13.94 7.28
C ASN A 34 -3.99 13.22 6.97
N SER A 35 -4.26 12.96 5.72
CA SER A 35 -5.52 12.25 5.35
C SER A 35 -5.42 11.70 3.92
N ALA A 36 -5.10 12.55 2.98
CA ALA A 36 -4.99 12.07 1.57
C ALA A 36 -3.92 10.98 1.45
N TYR A 37 -4.32 9.74 1.47
CA TYR A 37 -3.32 8.63 1.35
C TYR A 37 -3.98 7.40 0.71
N HIS A 38 -3.20 6.57 0.07
CA HIS A 38 -3.77 5.36 -0.58
C HIS A 38 -2.91 4.13 -0.28
N TYR A 39 -3.42 2.96 -0.54
CA TYR A 39 -2.64 1.72 -0.29
C TYR A 39 -2.08 1.17 -1.61
N ARG A 40 -0.78 1.03 -1.71
CA ARG A 40 -0.18 0.51 -2.97
C ARG A 40 0.44 -0.87 -2.74
N CYS A 41 0.50 -1.68 -3.77
CA CYS A 41 1.09 -3.04 -3.63
C CYS A 41 2.56 -3.04 -4.05
N VAL A 42 3.44 -3.57 -3.24
CA VAL A 42 4.88 -3.58 -3.59
C VAL A 42 5.47 -4.99 -3.50
N CYS A 43 6.50 -5.26 -4.25
CA CYS A 43 7.13 -6.60 -4.21
C CYS A 43 8.60 -6.48 -3.80
N HIS A 44 8.88 -6.60 -2.53
CA HIS A 44 10.30 -6.49 -2.07
C HIS A 44 10.82 -7.87 -1.67
N ARG A 45 12.08 -7.96 -1.33
CA ARG A 45 12.66 -9.28 -0.94
C ARG A 45 12.58 -9.45 0.59
N ILE A 1 -10.42 -0.20 12.08
CA ILE A 1 -10.76 -0.72 10.72
C ILE A 1 -10.81 0.43 9.71
N GLY A 2 -10.58 0.13 8.46
CA GLY A 2 -10.61 1.21 7.43
C GLY A 2 -9.37 1.09 6.54
N SER A 3 -9.23 1.98 5.59
CA SER A 3 -8.05 1.93 4.68
C SER A 3 -7.91 0.54 4.07
N THR A 4 -6.74 0.21 3.56
CA THR A 4 -6.55 -1.14 2.94
C THR A 4 -5.99 -2.12 3.98
N ALA A 5 -6.72 -2.38 5.04
CA ALA A 5 -6.22 -3.33 6.07
C ALA A 5 -5.82 -4.67 5.43
N PRO A 6 -6.68 -5.19 4.59
CA PRO A 6 -6.39 -6.47 3.92
C PRO A 6 -5.41 -6.23 2.77
N THR A 7 -4.16 -6.54 3.00
CA THR A 7 -3.12 -6.32 1.97
C THR A 7 -3.62 -6.66 0.58
N CYS A 8 -3.05 -6.05 -0.43
CA CYS A 8 -3.49 -6.32 -1.81
C CYS A 8 -3.35 -7.81 -2.13
N THR A 9 -2.54 -8.50 -1.35
CA THR A 9 -2.27 -9.97 -1.53
C THR A 9 -1.09 -10.13 -2.47
N TYR A 10 0.00 -10.67 -1.97
CA TYR A 10 1.23 -10.83 -2.79
C TYR A 10 0.91 -11.25 -4.24
N ASN A 11 -0.18 -11.93 -4.47
CA ASN A 11 -0.52 -12.34 -5.85
C ASN A 11 -0.62 -11.11 -6.74
N GLU A 12 -0.82 -9.96 -6.14
CA GLU A 12 -0.90 -8.73 -6.97
C GLU A 12 0.38 -8.61 -7.79
N CYS A 13 1.47 -9.09 -7.26
CA CYS A 13 2.76 -9.03 -7.98
C CYS A 13 3.03 -10.35 -8.73
N ARG A 14 1.98 -11.04 -9.10
CA ARG A 14 2.16 -12.34 -9.82
C ARG A 14 3.19 -12.20 -10.96
N GLY A 15 4.41 -12.58 -10.70
CA GLY A 15 5.47 -12.47 -11.74
C GLY A 15 6.85 -12.52 -11.08
N CYS A 16 7.16 -11.53 -10.27
CA CYS A 16 8.49 -11.51 -9.59
C CYS A 16 8.62 -12.71 -8.63
N ARG A 17 9.77 -12.87 -8.02
CA ARG A 17 9.96 -14.02 -7.09
C ARG A 17 10.46 -13.52 -5.73
N TYR A 18 9.66 -12.75 -5.03
CA TYR A 18 10.11 -12.23 -3.71
C TYR A 18 8.91 -12.04 -2.77
N LYS A 19 9.05 -11.17 -1.81
CA LYS A 19 7.93 -10.92 -0.85
C LYS A 19 7.12 -9.70 -1.31
N CYS A 20 5.83 -9.71 -1.10
CA CYS A 20 5.01 -8.54 -1.54
C CYS A 20 4.03 -8.13 -0.45
N ARG A 21 3.75 -6.86 -0.36
CA ARG A 21 2.81 -6.37 0.69
C ARG A 21 2.41 -4.92 0.36
N ALA A 22 1.18 -4.58 0.56
CA ALA A 22 0.74 -3.20 0.26
C ALA A 22 0.96 -2.30 1.48
N GLU A 23 1.22 -1.03 1.27
CA GLU A 23 1.46 -0.12 2.42
C GLU A 23 0.73 1.21 2.24
N GLN A 24 0.49 1.90 3.33
CA GLN A 24 -0.20 3.21 3.25
C GLN A 24 0.84 4.31 3.03
N VAL A 25 1.62 4.18 2.00
CA VAL A 25 2.67 5.21 1.72
C VAL A 25 2.07 6.62 1.77
N PRO A 26 2.74 7.50 2.47
CA PRO A 26 2.26 8.90 2.58
C PRO A 26 2.47 9.67 1.28
N VAL A 27 1.48 10.36 0.82
CA VAL A 27 1.62 11.14 -0.45
C VAL A 27 0.79 12.42 -0.39
N GLU A 28 0.42 12.86 0.79
CA GLU A 28 -0.38 14.10 0.91
C GLU A 28 -0.47 14.53 2.38
N GLY A 29 0.40 15.42 2.80
CA GLY A 29 0.37 15.89 4.21
C GLY A 29 0.51 14.72 5.17
N ASN A 30 0.63 14.99 6.44
CA ASN A 30 0.76 13.90 7.44
C ASN A 30 0.73 14.47 8.86
N ASP A 31 1.33 15.61 9.05
CA ASP A 31 1.35 16.23 10.41
C ASP A 31 -0.08 16.43 10.92
N PRO A 32 -0.88 17.14 10.16
CA PRO A 32 -2.28 17.39 10.56
C PRO A 32 -3.11 16.12 10.36
N ILE A 33 -4.40 16.25 10.28
CA ILE A 33 -5.28 15.05 10.09
C ILE A 33 -4.76 14.20 8.92
N ASN A 34 -5.29 13.02 8.76
CA ASN A 34 -4.85 12.17 7.61
C ASN A 34 -5.45 12.76 6.33
N SER A 35 -5.00 13.92 5.95
CA SER A 35 -5.54 14.59 4.72
C SER A 35 -5.81 13.58 3.61
N ALA A 36 -4.99 12.59 3.47
CA ALA A 36 -5.22 11.57 2.40
C ALA A 36 -4.10 10.53 2.41
N TYR A 37 -4.44 9.27 2.53
CA TYR A 37 -3.40 8.20 2.55
C TYR A 37 -3.91 6.97 1.80
N HIS A 38 -3.43 6.75 0.60
CA HIS A 38 -3.91 5.58 -0.19
C HIS A 38 -3.10 4.33 0.16
N TYR A 39 -3.10 3.37 -0.72
CA TYR A 39 -2.36 2.10 -0.47
C TYR A 39 -1.90 1.50 -1.80
N ARG A 40 -0.73 0.92 -1.83
CA ARG A 40 -0.23 0.31 -3.09
C ARG A 40 0.48 -1.01 -2.80
N CYS A 41 0.32 -1.98 -3.65
CA CYS A 41 1.00 -3.31 -3.43
C CYS A 41 2.39 -3.29 -4.05
N VAL A 42 3.41 -3.59 -3.29
CA VAL A 42 4.79 -3.58 -3.86
C VAL A 42 5.47 -4.94 -3.67
N CYS A 43 6.44 -5.25 -4.49
CA CYS A 43 7.14 -6.55 -4.36
C CYS A 43 8.55 -6.35 -3.81
N HIS A 44 8.74 -6.58 -2.54
CA HIS A 44 10.10 -6.44 -1.93
C HIS A 44 10.75 -7.81 -1.85
N ARG A 45 12.00 -7.89 -1.48
CA ARG A 45 12.67 -9.21 -1.39
C ARG A 45 11.94 -10.11 -0.40
N ILE A 1 -8.42 1.17 17.51
CA ILE A 1 -7.51 1.53 16.37
C ILE A 1 -7.90 0.73 15.12
N GLY A 2 -8.23 1.41 14.06
CA GLY A 2 -8.62 0.70 12.80
C GLY A 2 -7.75 1.18 11.65
N SER A 3 -6.53 0.71 11.58
CA SER A 3 -5.63 1.15 10.47
C SER A 3 -5.89 0.31 9.22
N THR A 4 -5.82 0.92 8.06
CA THR A 4 -6.05 0.17 6.79
C THR A 4 -5.02 -0.95 6.64
N ALA A 5 -5.40 -2.17 6.91
CA ALA A 5 -4.43 -3.29 6.76
C ALA A 5 -4.91 -4.35 5.75
N PRO A 6 -5.76 -3.97 4.82
CA PRO A 6 -6.23 -4.93 3.80
C PRO A 6 -5.15 -5.16 2.75
N THR A 7 -4.01 -5.69 3.16
CA THR A 7 -2.90 -5.93 2.19
C THR A 7 -3.44 -6.62 0.93
N CYS A 8 -2.86 -6.32 -0.21
CA CYS A 8 -3.33 -6.95 -1.47
C CYS A 8 -2.95 -8.44 -1.52
N THR A 9 -2.27 -8.91 -0.51
CA THR A 9 -1.83 -10.35 -0.47
C THR A 9 -0.78 -10.55 -1.55
N TYR A 10 0.38 -11.03 -1.19
CA TYR A 10 1.48 -11.21 -2.18
C TYR A 10 0.96 -11.70 -3.55
N ASN A 11 -0.12 -12.43 -3.57
CA ASN A 11 -0.68 -12.91 -4.87
C ASN A 11 -0.98 -11.71 -5.76
N GLU A 12 -1.15 -10.56 -5.16
CA GLU A 12 -1.44 -9.34 -5.95
C GLU A 12 -0.35 -9.13 -7.01
N CYS A 13 0.90 -9.22 -6.62
CA CYS A 13 2.00 -9.05 -7.60
C CYS A 13 1.96 -10.19 -8.63
N ARG A 14 2.16 -11.40 -8.18
CA ARG A 14 2.13 -12.59 -9.08
C ARG A 14 3.01 -12.33 -10.31
N GLY A 15 4.30 -12.57 -10.19
CA GLY A 15 5.22 -12.34 -11.33
C GLY A 15 6.66 -12.22 -10.81
N CYS A 16 6.90 -11.28 -9.93
CA CYS A 16 8.28 -11.11 -9.39
C CYS A 16 8.72 -12.37 -8.65
N ARG A 17 7.79 -13.16 -8.17
CA ARG A 17 8.16 -14.42 -7.44
C ARG A 17 8.96 -14.09 -6.18
N TYR A 18 8.58 -13.07 -5.46
CA TYR A 18 9.32 -12.71 -4.22
C TYR A 18 8.35 -12.32 -3.12
N LYS A 19 8.77 -11.48 -2.20
CA LYS A 19 7.87 -11.05 -1.09
C LYS A 19 7.09 -9.80 -1.51
N CYS A 20 5.82 -9.75 -1.18
CA CYS A 20 5.01 -8.56 -1.57
C CYS A 20 4.16 -8.07 -0.40
N ARG A 21 3.85 -6.80 -0.36
CA ARG A 21 3.02 -6.26 0.75
C ARG A 21 2.52 -4.87 0.39
N ALA A 22 1.28 -4.60 0.65
CA ALA A 22 0.72 -3.26 0.32
C ALA A 22 0.71 -2.38 1.57
N GLU A 23 1.02 -1.11 1.43
CA GLU A 23 1.05 -0.22 2.63
C GLU A 23 0.42 1.14 2.33
N GLN A 24 0.62 2.08 3.23
CA GLN A 24 0.07 3.44 3.03
C GLN A 24 1.21 4.42 2.73
N VAL A 25 1.22 5.01 1.58
CA VAL A 25 2.30 5.98 1.24
C VAL A 25 1.68 7.31 0.78
N PRO A 26 2.11 8.38 1.40
CA PRO A 26 1.59 9.72 1.05
C PRO A 26 2.13 10.18 -0.31
N VAL A 27 1.31 10.20 -1.31
CA VAL A 27 1.77 10.63 -2.67
C VAL A 27 1.66 12.15 -2.79
N GLU A 28 0.70 12.73 -2.13
CA GLU A 28 0.52 14.20 -2.19
C GLU A 28 -0.47 14.67 -1.11
N GLY A 29 -0.58 15.95 -0.90
CA GLY A 29 -1.53 16.46 0.13
C GLY A 29 -0.74 16.98 1.34
N ASN A 30 -1.06 18.15 1.80
CA ASN A 30 -0.34 18.72 2.97
C ASN A 30 -1.12 19.91 3.55
N ASP A 31 -0.72 21.11 3.26
CA ASP A 31 -1.45 22.29 3.79
C ASP A 31 -2.82 22.43 3.10
N PRO A 32 -2.79 22.48 1.79
CA PRO A 32 -4.06 22.62 1.02
C PRO A 32 -4.80 21.28 0.96
N ILE A 33 -5.97 21.22 1.56
CA ILE A 33 -6.79 19.96 1.56
C ILE A 33 -5.91 18.71 1.57
N ASN A 34 -5.55 18.22 2.74
CA ASN A 34 -4.71 17.00 2.82
C ASN A 34 -5.59 15.75 2.79
N SER A 35 -5.68 15.10 1.65
CA SER A 35 -6.54 13.88 1.56
C SER A 35 -6.01 12.94 0.47
N ALA A 36 -4.76 13.06 0.11
CA ALA A 36 -4.19 12.18 -0.94
C ALA A 36 -3.33 11.09 -0.30
N TYR A 37 -3.93 10.07 0.22
CA TYR A 37 -3.15 8.97 0.86
C TYR A 37 -3.79 7.62 0.54
N HIS A 38 -3.36 6.98 -0.51
CA HIS A 38 -3.95 5.66 -0.88
C HIS A 38 -3.05 4.51 -0.47
N TYR A 39 -3.39 3.32 -0.90
CA TYR A 39 -2.58 2.13 -0.56
C TYR A 39 -2.06 1.49 -1.85
N ARG A 40 -0.85 0.98 -1.83
CA ARG A 40 -0.30 0.34 -3.06
C ARG A 40 0.38 -0.98 -2.71
N CYS A 41 0.36 -1.92 -3.61
CA CYS A 41 1.01 -3.23 -3.35
C CYS A 41 2.41 -3.24 -3.97
N VAL A 42 3.43 -3.53 -3.20
CA VAL A 42 4.80 -3.52 -3.75
C VAL A 42 5.49 -4.87 -3.51
N CYS A 43 6.46 -5.20 -4.33
CA CYS A 43 7.19 -6.47 -4.16
C CYS A 43 8.61 -6.22 -3.65
N HIS A 44 8.97 -6.80 -2.54
CA HIS A 44 10.34 -6.59 -1.98
C HIS A 44 11.09 -7.93 -1.92
N ARG A 45 12.35 -7.89 -1.57
CA ARG A 45 13.13 -9.14 -1.49
C ARG A 45 14.20 -9.03 -0.40
#